data_2PPA
#
_entry.id   2PPA
#
_cell.length_a   60.650
_cell.length_b   101.623
_cell.length_c   146.042
_cell.angle_alpha   90.00
_cell.angle_beta   90.00
_cell.angle_gamma   90.00
#
_symmetry.space_group_name_H-M   'P 21 21 21'
#
loop_
_entity.id
_entity.type
_entity.pdbx_description
1 polymer 'Copper-containing nitrite reductase'
2 non-polymer 'COPPER (I) ION'
3 non-polymer 'COPPER (II) ION'
4 non-polymer 'ACETATE ION'
5 non-polymer 'NITROUS OXIDE'
6 non-polymer 2-AMINO-2-HYDROXYMETHYL-PROPANE-1,3-DIOL
7 water water
#
_entity_poly.entity_id   1
_entity_poly.type   'polypeptide(L)'
_entity_poly.pdbx_seq_one_letter_code
;ATAAEIAALPRQKVELVDPPFVHAHSQVAEGGPKVVEFTMVIEEKKIVIDDAGTEVHAMAFNGTVPGPLMVVHQDDYLEL
TLINPETNTLMHNIDFHAATGALGGGGLTEINPGEKTILRFKATKPGVFVYHCAPPGMVPWHVVSGMNGAIMVLPREGLH
DGKGKALTYDKIYYVGEQDFYVPRDENGKYKKYEAPGDAYEDTVKVMRTLTPTHVVFNGAVGALTGDKAMTAAVGEKVLI
VHSQANRDTRPHLIGGHGDYVWATGKFNTPPDVDQETWFIPGGAAGAAFYTFQQPGIYAYVNHNLIEAFELGAAAHFKVT
GEWNDDLMTSVLAPSGTIEGR
;
_entity_poly.pdbx_strand_id   A,B,C
#
# COMPACT_ATOMS: atom_id res chain seq x y z
N ALA A 1 -27.09 20.81 15.15
CA ALA A 1 -28.51 20.90 15.61
C ALA A 1 -28.59 21.06 17.11
N THR A 2 -29.57 21.85 17.56
CA THR A 2 -29.83 22.01 19.00
C THR A 2 -30.45 20.74 19.59
N ALA A 3 -30.51 20.69 20.92
CA ALA A 3 -31.04 19.53 21.64
C ALA A 3 -32.43 19.15 21.17
N ALA A 4 -33.32 20.14 21.05
CA ALA A 4 -34.68 19.86 20.64
C ALA A 4 -34.76 19.44 19.18
N GLU A 5 -33.88 20.02 18.34
CA GLU A 5 -33.82 19.65 16.93
C GLU A 5 -33.41 18.21 16.74
N ILE A 6 -32.42 17.77 17.50
CA ILE A 6 -31.95 16.38 17.46
C ILE A 6 -33.06 15.44 17.93
N ALA A 7 -33.74 15.81 19.02
CA ALA A 7 -34.80 14.98 19.57
C ALA A 7 -35.98 14.86 18.62
N ALA A 8 -36.17 15.87 17.78
CA ALA A 8 -37.30 15.95 16.85
C ALA A 8 -37.10 15.17 15.55
N LEU A 9 -35.87 14.77 15.27
CA LEU A 9 -35.55 14.07 14.03
C LEU A 9 -36.31 12.75 13.95
N PRO A 10 -36.73 12.36 12.74
CA PRO A 10 -37.38 11.05 12.59
C PRO A 10 -36.41 9.93 12.96
N ARG A 11 -36.96 8.88 13.57
CA ARG A 11 -36.23 7.65 13.86
C ARG A 11 -36.74 6.58 12.93
N GLN A 12 -35.82 5.86 12.29
CA GLN A 12 -36.19 4.81 11.33
C GLN A 12 -35.42 3.53 11.62
N LYS A 13 -36.15 2.44 11.86
CA LYS A 13 -35.55 1.11 12.08
C LYS A 13 -35.32 0.43 10.74
N VAL A 14 -34.12 -0.11 10.54
CA VAL A 14 -33.78 -0.80 9.30
C VAL A 14 -33.41 -2.24 9.61
N GLU A 15 -33.92 -3.19 8.81
CA GLU A 15 -33.60 -4.61 8.98
C GLU A 15 -32.35 -4.94 8.19
N LEU A 16 -31.41 -5.61 8.84
CA LEU A 16 -30.14 -5.92 8.21
C LEU A 16 -30.21 -7.19 7.39
N VAL A 17 -29.22 -7.35 6.50
N VAL A 17 -29.35 -7.31 6.38
CA VAL A 17 -29.13 -8.42 5.52
CA VAL A 17 -29.18 -8.58 5.68
C VAL A 17 -27.68 -8.92 5.51
C VAL A 17 -27.73 -8.97 5.74
N ASP A 18 -27.46 -10.24 5.49
CA ASP A 18 -26.12 -10.79 5.57
C ASP A 18 -25.28 -10.48 4.33
N PRO A 19 -23.99 -10.19 4.53
CA PRO A 19 -23.12 -10.01 3.36
C PRO A 19 -23.05 -11.26 2.46
N PRO A 20 -22.81 -11.09 1.16
CA PRO A 20 -22.41 -9.85 0.47
C PRO A 20 -23.56 -8.93 0.11
N PHE A 21 -24.77 -9.28 0.53
CA PHE A 21 -25.94 -8.46 0.23
C PHE A 21 -26.04 -7.26 1.14
N VAL A 22 -26.85 -6.29 0.73
CA VAL A 22 -26.96 -5.02 1.44
C VAL A 22 -28.44 -4.67 1.62
N HIS A 23 -28.78 -4.17 2.81
CA HIS A 23 -30.16 -3.83 3.17
C HIS A 23 -30.69 -2.72 2.30
N ALA A 24 -32.02 -2.55 2.35
CA ALA A 24 -32.74 -1.56 1.57
C ALA A 24 -32.28 -0.15 1.90
N HIS A 25 -31.96 0.60 0.85
CA HIS A 25 -31.61 2.00 1.01
C HIS A 25 -31.86 2.78 -0.27
N SER A 26 -31.87 4.10 -0.13
CA SER A 26 -31.96 4.95 -1.29
C SER A 26 -30.61 5.62 -1.46
N GLN A 27 -30.17 5.77 -2.70
CA GLN A 27 -28.89 6.41 -2.96
C GLN A 27 -28.97 7.90 -2.69
N VAL A 28 -30.01 8.54 -3.22
CA VAL A 28 -30.28 9.93 -2.88
C VAL A 28 -31.12 9.95 -1.61
N ALA A 29 -30.70 10.73 -0.62
CA ALA A 29 -31.42 10.82 0.65
C ALA A 29 -32.78 11.46 0.47
N GLU A 30 -33.75 10.91 1.18
CA GLU A 30 -35.14 11.30 1.10
C GLU A 30 -35.46 12.07 2.37
N GLY A 31 -35.81 13.34 2.21
CA GLY A 31 -36.00 14.20 3.37
C GLY A 31 -34.67 14.45 4.06
N GLY A 32 -34.73 15.14 5.19
CA GLY A 32 -33.53 15.58 5.88
C GLY A 32 -32.96 14.50 6.78
N PRO A 33 -32.06 14.92 7.69
CA PRO A 33 -31.37 13.98 8.58
C PRO A 33 -32.33 13.08 9.39
N LYS A 34 -31.94 11.83 9.57
CA LYS A 34 -32.76 10.86 10.27
C LYS A 34 -31.87 10.18 11.28
N VAL A 35 -32.46 9.61 12.31
CA VAL A 35 -31.70 8.72 13.20
C VAL A 35 -32.02 7.32 12.71
N VAL A 36 -31.05 6.64 12.10
CA VAL A 36 -31.27 5.35 11.48
C VAL A 36 -30.88 4.30 12.50
N GLU A 37 -31.81 3.39 12.80
CA GLU A 37 -31.64 2.47 13.94
C GLU A 37 -31.34 1.05 13.44
N PHE A 38 -30.28 0.46 13.98
CA PHE A 38 -29.90 -0.92 13.67
C PHE A 38 -29.76 -1.70 14.95
N THR A 39 -29.96 -3.01 14.88
CA THR A 39 -29.68 -3.90 15.99
C THR A 39 -28.81 -5.07 15.52
N MET A 40 -27.79 -5.40 16.29
CA MET A 40 -26.99 -6.58 16.00
C MET A 40 -26.77 -7.36 17.27
N VAL A 41 -26.89 -8.68 17.15
CA VAL A 41 -26.57 -9.59 18.23
C VAL A 41 -25.23 -10.24 17.89
N ILE A 42 -24.35 -10.31 18.88
CA ILE A 42 -23.03 -10.88 18.71
C ILE A 42 -23.13 -12.38 18.93
N GLU A 43 -22.57 -13.15 18.00
CA GLU A 43 -22.50 -14.60 18.17
C GLU A 43 -21.08 -15.07 18.27
N GLU A 44 -20.76 -15.83 19.32
CA GLU A 44 -19.51 -16.59 19.37
C GLU A 44 -19.86 -18.00 18.96
N LYS A 45 -19.17 -18.51 17.94
CA LYS A 45 -19.47 -19.83 17.38
C LYS A 45 -18.33 -20.34 16.55
N LYS A 46 -18.18 -21.66 16.53
CA LYS A 46 -17.20 -22.30 15.68
C LYS A 46 -17.67 -22.28 14.24
N ILE A 47 -16.80 -21.83 13.35
CA ILE A 47 -17.08 -21.87 11.92
C ILE A 47 -15.99 -22.67 11.21
N VAL A 48 -16.35 -23.32 10.11
CA VAL A 48 -15.37 -24.03 9.29
C VAL A 48 -15.02 -23.10 8.12
N ILE A 49 -13.72 -22.93 7.86
CA ILE A 49 -13.28 -21.89 6.93
C ILE A 49 -12.66 -22.41 5.63
N ASP A 50 -12.49 -23.73 5.54
CA ASP A 50 -11.88 -24.32 4.33
C ASP A 50 -12.43 -25.73 4.06
N ASP A 51 -11.91 -26.37 3.02
CA ASP A 51 -12.35 -27.72 2.64
C ASP A 51 -11.71 -28.86 3.44
N ALA A 52 -10.87 -28.52 4.42
CA ALA A 52 -10.23 -29.52 5.26
C ALA A 52 -10.85 -29.58 6.66
N GLY A 53 -11.98 -28.89 6.85
CA GLY A 53 -12.65 -28.83 8.15
C GLY A 53 -11.96 -27.95 9.19
N THR A 54 -11.14 -27.00 8.75
CA THR A 54 -10.43 -26.11 9.65
C THR A 54 -11.43 -25.19 10.35
N GLU A 55 -11.34 -25.14 11.68
CA GLU A 55 -12.23 -24.36 12.53
C GLU A 55 -11.62 -23.07 13.04
N VAL A 56 -12.46 -22.03 13.12
CA VAL A 56 -12.14 -20.80 13.84
C VAL A 56 -13.26 -20.59 14.86
N HIS A 57 -12.90 -20.17 16.08
CA HIS A 57 -13.87 -19.65 17.03
C HIS A 57 -14.16 -18.21 16.59
N ALA A 58 -15.18 -18.06 15.76
CA ALA A 58 -15.58 -16.76 15.23
C ALA A 58 -16.25 -15.93 16.29
N MET A 59 -16.08 -14.62 16.17
CA MET A 59 -16.76 -13.64 17.02
C MET A 59 -17.45 -12.73 16.04
N ALA A 60 -18.76 -12.89 15.90
CA ALA A 60 -19.45 -12.43 14.71
C ALA A 60 -20.58 -11.46 15.01
N PHE A 61 -20.44 -10.21 14.54
CA PHE A 61 -21.53 -9.25 14.59
C PHE A 61 -22.69 -9.81 13.75
N ASN A 62 -23.88 -9.90 14.36
CA ASN A 62 -25.07 -10.38 13.65
C ASN A 62 -24.94 -11.81 13.15
N GLY A 63 -23.95 -12.54 13.66
CA GLY A 63 -23.77 -13.93 13.30
C GLY A 63 -22.96 -14.18 12.03
N THR A 64 -22.48 -13.11 11.39
CA THR A 64 -21.75 -13.28 10.13
C THR A 64 -20.35 -12.71 10.18
N VAL A 65 -19.48 -13.26 9.32
CA VAL A 65 -18.14 -12.75 9.04
C VAL A 65 -18.08 -12.47 7.55
N PRO A 66 -18.02 -11.17 7.18
CA PRO A 66 -17.94 -10.00 8.03
C PRO A 66 -19.29 -9.68 8.63
N GLY A 67 -19.33 -8.77 9.60
CA GLY A 67 -20.60 -8.17 10.02
C GLY A 67 -21.26 -7.46 8.85
N PRO A 68 -22.58 -7.23 8.93
CA PRO A 68 -23.35 -6.65 7.84
C PRO A 68 -23.00 -5.20 7.55
N LEU A 69 -23.28 -4.77 6.32
CA LEU A 69 -23.07 -3.38 5.91
C LEU A 69 -24.27 -2.58 6.38
N MET A 70 -24.00 -1.51 7.10
CA MET A 70 -25.03 -0.57 7.50
C MET A 70 -24.91 0.67 6.61
N VAL A 71 -26.04 1.14 6.07
CA VAL A 71 -26.02 2.27 5.12
C VAL A 71 -26.85 3.45 5.62
N VAL A 72 -26.20 4.61 5.66
CA VAL A 72 -26.85 5.85 6.11
C VAL A 72 -26.40 6.95 5.16
N HIS A 73 -26.92 8.15 5.36
CA HIS A 73 -26.43 9.28 4.58
C HIS A 73 -25.69 10.27 5.45
N GLN A 74 -24.85 11.10 4.82
CA GLN A 74 -24.11 12.11 5.56
C GLN A 74 -25.08 12.94 6.40
N ASP A 75 -24.71 13.13 7.65
CA ASP A 75 -25.46 13.92 8.64
C ASP A 75 -26.72 13.26 9.20
N ASP A 76 -26.96 12.00 8.81
CA ASP A 76 -27.84 11.15 9.58
C ASP A 76 -27.09 10.75 10.84
N TYR A 77 -27.82 10.19 11.80
CA TYR A 77 -27.20 9.58 12.97
C TYR A 77 -27.39 8.10 12.79
N LEU A 78 -26.36 7.33 13.12
CA LEU A 78 -26.48 5.87 13.22
C LEU A 78 -26.64 5.50 14.68
N GLU A 79 -27.73 4.78 14.97
CA GLU A 79 -28.03 4.39 16.34
C GLU A 79 -28.12 2.86 16.46
N LEU A 80 -27.04 2.26 16.98
CA LEU A 80 -26.91 0.82 17.05
C LEU A 80 -27.21 0.29 18.43
N THR A 81 -28.13 -0.67 18.49
CA THR A 81 -28.34 -1.48 19.68
C THR A 81 -27.48 -2.70 19.46
N LEU A 82 -26.52 -2.89 20.36
CA LEU A 82 -25.59 -4.02 20.29
C LEU A 82 -25.83 -4.92 21.49
N ILE A 83 -26.01 -6.21 21.23
CA ILE A 83 -26.43 -7.16 22.24
C ILE A 83 -25.42 -8.29 22.39
N ASN A 84 -25.03 -8.58 23.62
CA ASN A 84 -24.11 -9.67 23.88
C ASN A 84 -24.80 -10.71 24.74
N PRO A 85 -25.30 -11.79 24.12
CA PRO A 85 -26.11 -12.76 24.85
C PRO A 85 -25.33 -13.45 25.97
N GLU A 86 -26.05 -13.87 27.00
CA GLU A 86 -25.42 -14.50 28.18
C GLU A 86 -24.75 -15.83 27.86
N THR A 87 -25.03 -16.37 26.67
CA THR A 87 -24.39 -17.61 26.21
C THR A 87 -22.95 -17.42 25.73
N ASN A 88 -22.60 -16.19 25.37
CA ASN A 88 -21.24 -15.86 25.02
C ASN A 88 -20.34 -15.85 26.28
N THR A 89 -19.03 -15.88 26.07
CA THR A 89 -18.10 -15.95 27.17
C THR A 89 -17.19 -14.72 27.27
N LEU A 90 -17.18 -13.90 26.21
CA LEU A 90 -16.27 -12.74 26.16
C LEU A 90 -16.98 -11.39 26.18
N MET A 91 -16.29 -10.38 26.73
CA MET A 91 -16.76 -8.99 26.60
C MET A 91 -16.47 -8.53 25.17
N HIS A 92 -17.37 -7.71 24.61
CA HIS A 92 -17.17 -7.16 23.26
C HIS A 92 -17.58 -5.70 23.28
N ASN A 93 -17.20 -4.97 22.23
CA ASN A 93 -17.68 -3.59 22.03
C ASN A 93 -17.71 -3.29 20.53
N ILE A 94 -17.87 -2.02 20.15
CA ILE A 94 -17.81 -1.69 18.73
C ILE A 94 -17.14 -0.34 18.51
N ASP A 95 -16.22 -0.29 17.54
CA ASP A 95 -15.55 0.94 17.15
C ASP A 95 -15.94 1.21 15.71
N PHE A 96 -16.55 2.37 15.45
CA PHE A 96 -16.88 2.76 14.10
C PHE A 96 -15.83 3.76 13.66
N HIS A 97 -15.11 3.45 12.58
CA HIS A 97 -14.16 4.42 12.04
C HIS A 97 -14.86 5.67 11.52
N ALA A 98 -16.16 5.56 11.24
CA ALA A 98 -16.96 6.72 10.81
C ALA A 98 -17.25 7.76 11.90
N ALA A 99 -17.18 7.32 13.16
CA ALA A 99 -17.58 8.08 14.32
C ALA A 99 -16.42 8.85 14.93
N THR A 100 -16.76 9.82 15.79
CA THR A 100 -15.74 10.68 16.40
C THR A 100 -15.94 10.67 17.92
N GLY A 101 -14.88 10.29 18.64
CA GLY A 101 -14.89 10.23 20.09
C GLY A 101 -14.84 8.81 20.62
N ALA A 102 -14.38 8.66 21.85
CA ALA A 102 -14.38 7.38 22.59
C ALA A 102 -13.89 6.19 21.79
N LEU A 103 -12.75 6.40 21.13
CA LEU A 103 -12.08 5.38 20.32
C LEU A 103 -12.95 4.88 19.16
N GLY A 104 -13.94 5.67 18.77
CA GLY A 104 -14.89 5.24 17.73
C GLY A 104 -16.20 4.68 18.27
N GLY A 105 -16.34 4.66 19.59
CA GLY A 105 -17.51 4.10 20.28
C GLY A 105 -17.18 2.97 21.24
N GLY A 106 -15.97 2.43 21.10
CA GLY A 106 -15.55 1.28 21.92
C GLY A 106 -15.58 1.60 23.40
N GLY A 107 -15.22 2.84 23.76
CA GLY A 107 -15.17 3.28 25.16
C GLY A 107 -16.54 3.28 25.82
N LEU A 108 -17.58 3.34 25.00
CA LEU A 108 -18.95 3.51 25.45
C LEU A 108 -19.81 2.26 25.31
N THR A 109 -19.24 1.18 24.76
CA THR A 109 -20.05 0.02 24.35
C THR A 109 -19.50 -1.32 24.84
N GLU A 110 -18.69 -1.28 25.88
CA GLU A 110 -18.15 -2.51 26.47
C GLU A 110 -19.26 -3.31 27.13
N ILE A 111 -19.65 -4.40 26.50
CA ILE A 111 -20.76 -5.21 26.98
C ILE A 111 -20.31 -6.63 27.29
N ASN A 112 -20.49 -7.03 28.54
CA ASN A 112 -20.27 -8.39 28.97
C ASN A 112 -21.42 -9.28 28.48
N PRO A 113 -21.21 -10.61 28.47
CA PRO A 113 -22.33 -11.49 28.20
C PRO A 113 -23.52 -11.17 29.10
N GLY A 114 -24.71 -11.07 28.49
CA GLY A 114 -25.91 -10.69 29.20
C GLY A 114 -26.17 -9.21 29.25
N GLU A 115 -25.34 -8.43 28.56
CA GLU A 115 -25.55 -6.99 28.44
C GLU A 115 -25.82 -6.53 27.03
N LYS A 116 -26.53 -5.41 26.92
CA LYS A 116 -26.67 -4.69 25.67
C LYS A 116 -26.32 -3.21 25.89
N THR A 117 -26.21 -2.48 24.78
CA THR A 117 -25.86 -1.05 24.83
C THR A 117 -26.44 -0.41 23.59
N ILE A 118 -26.68 0.90 23.63
CA ILE A 118 -27.14 1.64 22.46
C ILE A 118 -26.23 2.86 22.25
N LEU A 119 -25.56 2.90 21.11
CA LEU A 119 -24.65 3.99 20.74
C LEU A 119 -25.26 4.77 19.60
N ARG A 120 -25.22 6.10 19.70
CA ARG A 120 -25.62 6.95 18.57
C ARG A 120 -24.41 7.81 18.20
N PHE A 121 -24.14 7.92 16.90
CA PHE A 121 -23.16 8.90 16.43
C PHE A 121 -23.63 9.57 15.16
N LYS A 122 -23.15 10.78 14.95
CA LYS A 122 -23.52 11.52 13.76
C LYS A 122 -22.55 11.14 12.67
N ALA A 123 -23.05 10.75 11.50
CA ALA A 123 -22.18 10.31 10.40
C ALA A 123 -21.77 11.52 9.56
N THR A 124 -20.73 12.21 10.01
CA THR A 124 -20.41 13.54 9.49
C THR A 124 -19.67 13.58 8.15
N LYS A 125 -19.05 12.47 7.76
CA LYS A 125 -18.18 12.40 6.60
C LYS A 125 -18.67 11.27 5.68
N PRO A 126 -18.79 11.54 4.36
CA PRO A 126 -19.27 10.52 3.41
C PRO A 126 -18.19 9.50 3.02
N GLY A 127 -18.56 8.24 2.98
CA GLY A 127 -17.60 7.23 2.58
C GLY A 127 -18.01 5.85 3.04
N VAL A 128 -17.20 4.85 2.69
CA VAL A 128 -17.31 3.55 3.34
C VAL A 128 -16.24 3.49 4.46
N PHE A 129 -16.60 2.89 5.60
CA PHE A 129 -15.71 2.92 6.76
C PHE A 129 -15.76 1.58 7.42
N VAL A 130 -14.62 1.13 7.92
CA VAL A 130 -14.58 -0.08 8.73
C VAL A 130 -15.29 0.11 10.09
N TYR A 131 -15.90 -0.95 10.62
CA TYR A 131 -16.19 -1.00 12.05
C TYR A 131 -15.65 -2.31 12.56
N HIS A 132 -15.25 -2.33 13.83
CA HIS A 132 -14.79 -3.56 14.45
C HIS A 132 -14.84 -3.52 15.96
N CYS A 133 -14.88 -4.71 16.55
CA CYS A 133 -14.76 -4.86 17.99
C CYS A 133 -13.31 -4.53 18.38
N ALA A 134 -13.11 -3.97 19.58
CA ALA A 134 -11.79 -3.58 20.03
C ALA A 134 -11.76 -3.47 21.56
N PRO A 135 -11.82 -4.62 22.25
CA PRO A 135 -11.74 -4.57 23.70
C PRO A 135 -10.30 -4.26 24.05
N PRO A 136 -10.08 -3.24 24.91
CA PRO A 136 -8.72 -2.85 25.29
C PRO A 136 -7.86 -4.06 25.71
N GLY A 137 -6.67 -4.15 25.12
CA GLY A 137 -5.76 -5.26 25.41
C GLY A 137 -6.01 -6.54 24.63
N MET A 138 -7.10 -6.61 23.87
CA MET A 138 -7.39 -7.81 23.06
C MET A 138 -7.93 -7.42 21.70
N VAL A 139 -7.47 -6.27 21.20
CA VAL A 139 -8.03 -5.71 19.96
C VAL A 139 -7.81 -6.62 18.73
N PRO A 140 -6.55 -6.91 18.36
CA PRO A 140 -6.41 -7.71 17.15
C PRO A 140 -7.04 -9.11 17.25
N TRP A 141 -7.07 -9.67 18.46
CA TRP A 141 -7.65 -11.01 18.61
C TRP A 141 -9.12 -11.04 18.24
N HIS A 142 -9.89 -10.05 18.70
CA HIS A 142 -11.29 -9.98 18.28
C HIS A 142 -11.41 -9.73 16.79
N VAL A 143 -10.55 -8.88 16.27
CA VAL A 143 -10.68 -8.49 14.88
C VAL A 143 -10.38 -9.64 13.93
N VAL A 144 -9.29 -10.37 14.20
CA VAL A 144 -8.90 -11.49 13.33
C VAL A 144 -9.67 -12.78 13.65
N SER A 145 -10.58 -12.69 14.61
CA SER A 145 -11.58 -13.74 14.84
C SER A 145 -12.85 -13.40 14.06
N GLY A 146 -12.77 -12.35 13.24
CA GLY A 146 -13.84 -12.02 12.32
C GLY A 146 -14.81 -10.94 12.80
N MET A 147 -14.45 -10.26 13.88
CA MET A 147 -15.38 -9.33 14.50
C MET A 147 -15.20 -7.95 13.93
N ASN A 148 -15.58 -7.83 12.66
CA ASN A 148 -15.42 -6.58 11.92
C ASN A 148 -16.38 -6.55 10.74
N GLY A 149 -16.73 -5.34 10.30
CA GLY A 149 -17.61 -5.14 9.15
C GLY A 149 -17.34 -3.77 8.57
N ALA A 150 -18.35 -3.18 7.92
CA ALA A 150 -18.20 -1.82 7.39
C ALA A 150 -19.54 -1.10 7.37
N ILE A 151 -19.50 0.21 7.22
CA ILE A 151 -20.73 0.96 6.94
C ILE A 151 -20.50 1.81 5.71
N MET A 152 -21.60 2.24 5.09
CA MET A 152 -21.48 3.21 4.03
C MET A 152 -22.28 4.44 4.41
N VAL A 153 -21.63 5.59 4.33
CA VAL A 153 -22.26 6.89 4.56
C VAL A 153 -22.31 7.56 3.18
N LEU A 154 -23.46 7.50 2.53
CA LEU A 154 -23.63 8.06 1.20
C LEU A 154 -23.79 9.55 1.29
N PRO A 155 -23.29 10.28 0.27
CA PRO A 155 -23.58 11.72 0.21
C PRO A 155 -25.10 11.88 0.10
N ARG A 156 -25.64 12.97 0.64
CA ARG A 156 -27.09 13.14 0.62
C ARG A 156 -27.66 13.14 -0.80
N GLU A 157 -26.85 13.57 -1.77
CA GLU A 157 -27.25 13.55 -3.18
C GLU A 157 -26.73 12.34 -3.95
N GLY A 158 -26.37 11.28 -3.24
CA GLY A 158 -25.86 10.07 -3.88
C GLY A 158 -24.43 10.24 -4.38
N LEU A 159 -23.91 9.20 -5.03
CA LEU A 159 -22.54 9.25 -5.53
C LEU A 159 -22.39 10.12 -6.76
N HIS A 160 -21.20 10.70 -6.94
CA HIS A 160 -20.88 11.47 -8.12
C HIS A 160 -19.47 11.17 -8.57
N ASP A 161 -19.20 11.40 -9.85
CA ASP A 161 -17.83 11.30 -10.33
C ASP A 161 -17.09 12.61 -9.99
N GLY A 162 -15.85 12.72 -10.46
CA GLY A 162 -15.03 13.90 -10.22
C GLY A 162 -15.55 15.20 -10.85
N LYS A 163 -16.56 15.10 -11.71
CA LYS A 163 -17.16 16.28 -12.36
C LYS A 163 -18.57 16.58 -11.84
N GLY A 164 -19.00 15.85 -10.81
CA GLY A 164 -20.31 16.06 -10.18
C GLY A 164 -21.48 15.48 -10.95
N LYS A 165 -21.19 14.69 -11.97
CA LYS A 165 -22.21 13.92 -12.69
C LYS A 165 -22.58 12.73 -11.81
N ALA A 166 -23.87 12.50 -11.65
CA ALA A 166 -24.37 11.41 -10.80
C ALA A 166 -23.89 10.02 -11.24
N LEU A 167 -23.48 9.22 -10.27
CA LEU A 167 -23.21 7.80 -10.47
C LEU A 167 -24.21 7.00 -9.66
N THR A 168 -25.06 6.26 -10.35
CA THR A 168 -26.13 5.52 -9.72
C THR A 168 -25.88 4.05 -10.00
N TYR A 169 -25.68 3.24 -8.96
CA TYR A 169 -25.53 1.82 -9.19
C TYR A 169 -26.87 1.09 -9.24
N ASP A 170 -26.89 -0.02 -9.99
CA ASP A 170 -28.06 -0.87 -10.06
C ASP A 170 -28.06 -1.84 -8.91
N LYS A 171 -26.86 -2.23 -8.49
CA LYS A 171 -26.74 -3.10 -7.33
C LYS A 171 -25.43 -2.85 -6.62
N ILE A 172 -25.37 -3.31 -5.36
CA ILE A 172 -24.23 -3.11 -4.50
C ILE A 172 -23.93 -4.42 -3.78
N TYR A 173 -22.66 -4.78 -3.73
CA TYR A 173 -22.21 -5.92 -2.92
C TYR A 173 -21.19 -5.46 -1.90
N TYR A 174 -21.16 -6.12 -0.76
CA TYR A 174 -20.13 -5.89 0.25
C TYR A 174 -19.25 -7.14 0.42
N VAL A 175 -17.98 -7.01 0.04
CA VAL A 175 -17.00 -8.09 0.20
C VAL A 175 -16.15 -7.74 1.42
N GLY A 176 -16.31 -8.49 2.50
CA GLY A 176 -15.44 -8.32 3.68
C GLY A 176 -14.34 -9.35 3.61
N GLU A 177 -13.10 -8.89 3.65
CA GLU A 177 -11.95 -9.77 3.56
C GLU A 177 -11.34 -9.99 4.92
N GLN A 178 -11.08 -11.26 5.26
CA GLN A 178 -10.66 -11.64 6.58
C GLN A 178 -9.37 -12.43 6.51
N ASP A 179 -8.37 -11.93 7.24
CA ASP A 179 -7.15 -12.68 7.51
C ASP A 179 -7.35 -13.53 8.78
N PHE A 180 -7.13 -14.84 8.67
CA PHE A 180 -7.23 -15.73 9.82
C PHE A 180 -5.86 -16.33 10.13
N TYR A 181 -5.64 -16.66 11.41
CA TYR A 181 -4.35 -17.12 11.90
C TYR A 181 -4.59 -18.39 12.71
N VAL A 182 -4.71 -19.52 12.02
CA VAL A 182 -5.14 -20.73 12.71
C VAL A 182 -3.92 -21.54 13.14
N PRO A 183 -3.81 -21.81 14.46
CA PRO A 183 -2.69 -22.62 14.94
C PRO A 183 -2.61 -24.02 14.34
N ARG A 184 -1.38 -24.52 14.22
N ARG A 184 -1.38 -24.50 14.18
CA ARG A 184 -1.12 -25.86 13.69
CA ARG A 184 -1.14 -25.85 13.70
C ARG A 184 -0.28 -26.64 14.68
C ARG A 184 -0.37 -26.62 14.76
N ASP A 185 -0.50 -27.95 14.72
CA ASP A 185 0.33 -28.81 15.56
C ASP A 185 1.65 -29.01 14.82
N GLU A 186 2.58 -29.75 15.41
CA GLU A 186 3.88 -29.89 14.74
C GLU A 186 3.88 -30.74 13.47
N ASN A 187 2.75 -31.36 13.14
CA ASN A 187 2.63 -32.11 11.89
C ASN A 187 1.98 -31.25 10.79
N GLY A 188 1.69 -29.99 11.13
CA GLY A 188 1.07 -29.07 10.19
C GLY A 188 -0.44 -29.14 10.12
N LYS A 189 -1.05 -29.96 10.98
CA LYS A 189 -2.51 -30.06 11.04
C LYS A 189 -3.09 -28.96 11.93
N TYR A 190 -4.11 -28.27 11.41
CA TYR A 190 -4.77 -27.21 12.15
C TYR A 190 -5.38 -27.74 13.42
N LYS A 191 -5.18 -26.99 14.50
CA LYS A 191 -5.67 -27.38 15.81
C LYS A 191 -7.12 -26.95 16.06
N LYS A 192 -7.80 -27.72 16.90
CA LYS A 192 -9.13 -27.38 17.39
C LYS A 192 -9.11 -27.16 18.90
N TYR A 193 -9.98 -26.26 19.34
CA TYR A 193 -10.09 -25.86 20.74
C TYR A 193 -11.52 -25.91 21.22
N GLU A 194 -11.69 -26.18 22.52
CA GLU A 194 -13.02 -26.28 23.10
C GLU A 194 -13.71 -24.91 23.24
N ALA A 195 -12.95 -23.91 23.65
CA ALA A 195 -13.49 -22.58 23.93
C ALA A 195 -12.60 -21.53 23.27
N PRO A 196 -13.15 -20.32 22.95
CA PRO A 196 -12.32 -19.34 22.25
C PRO A 196 -11.04 -18.98 23.01
N GLY A 197 -11.14 -18.79 24.32
CA GLY A 197 -9.98 -18.44 25.13
C GLY A 197 -8.86 -19.46 25.10
N ASP A 198 -9.20 -20.74 24.96
CA ASP A 198 -8.19 -21.79 24.90
C ASP A 198 -7.23 -21.62 23.72
N ALA A 199 -7.71 -20.98 22.66
CA ALA A 199 -6.93 -20.73 21.44
C ALA A 199 -6.10 -19.45 21.48
N TYR A 200 -6.33 -18.61 22.50
CA TYR A 200 -5.71 -17.28 22.56
C TYR A 200 -4.17 -17.29 22.38
N GLU A 201 -3.45 -18.04 23.22
CA GLU A 201 -1.99 -17.98 23.17
C GLU A 201 -1.42 -18.52 21.87
N ASP A 202 -1.95 -19.66 21.43
CA ASP A 202 -1.50 -20.27 20.19
C ASP A 202 -1.79 -19.39 19.00
N THR A 203 -2.93 -18.70 19.03
CA THR A 203 -3.32 -17.81 17.92
C THR A 203 -2.45 -16.55 17.85
N VAL A 204 -2.18 -15.95 19.01
CA VAL A 204 -1.30 -14.79 19.06
C VAL A 204 0.09 -15.14 18.51
N LYS A 205 0.59 -16.35 18.80
CA LYS A 205 1.86 -16.76 18.22
C LYS A 205 1.85 -16.73 16.67
N VAL A 206 0.75 -17.22 16.08
CA VAL A 206 0.58 -17.16 14.64
C VAL A 206 0.42 -15.72 14.15
N MET A 207 -0.37 -14.92 14.87
CA MET A 207 -0.58 -13.50 14.51
C MET A 207 0.74 -12.73 14.41
N ARG A 208 1.67 -13.01 15.31
CA ARG A 208 2.96 -12.33 15.39
C ARG A 208 3.87 -12.63 14.21
N THR A 209 3.64 -13.74 13.51
CA THR A 209 4.36 -14.02 12.26
C THR A 209 3.93 -13.12 11.12
N LEU A 210 2.80 -12.44 11.31
CA LEU A 210 2.20 -11.56 10.29
C LEU A 210 1.86 -12.27 8.99
N THR A 211 1.70 -13.58 9.10
CA THR A 211 1.44 -14.43 7.94
C THR A 211 0.13 -15.18 8.21
N PRO A 212 -0.97 -14.73 7.58
CA PRO A 212 -2.22 -15.45 7.75
C PRO A 212 -2.16 -16.85 7.17
N THR A 213 -2.87 -17.77 7.80
CA THR A 213 -3.01 -19.12 7.27
C THR A 213 -4.08 -19.17 6.17
N HIS A 214 -5.08 -18.28 6.28
CA HIS A 214 -6.18 -18.13 5.34
C HIS A 214 -6.46 -16.65 5.14
N VAL A 215 -6.83 -16.29 3.92
CA VAL A 215 -7.33 -14.94 3.61
C VAL A 215 -8.59 -15.18 2.81
N VAL A 216 -9.75 -14.78 3.34
CA VAL A 216 -11.03 -15.22 2.79
C VAL A 216 -11.99 -14.05 2.60
N PHE A 217 -12.94 -14.24 1.70
CA PHE A 217 -14.07 -13.33 1.54
C PHE A 217 -15.30 -13.98 2.18
N ASN A 218 -16.10 -13.20 2.89
CA ASN A 218 -17.34 -13.70 3.47
C ASN A 218 -17.13 -14.91 4.36
N GLY A 219 -15.98 -14.94 5.04
CA GLY A 219 -15.78 -15.88 6.16
C GLY A 219 -15.23 -17.26 5.88
N ALA A 220 -14.96 -17.56 4.61
CA ALA A 220 -14.51 -18.93 4.27
C ALA A 220 -13.97 -19.01 2.86
N VAL A 221 -13.04 -19.94 2.63
CA VAL A 221 -12.56 -20.23 1.27
C VAL A 221 -13.78 -20.56 0.40
N GLY A 222 -13.86 -19.93 -0.78
CA GLY A 222 -14.92 -20.22 -1.74
C GLY A 222 -16.33 -19.77 -1.40
N ALA A 223 -16.47 -18.96 -0.36
CA ALA A 223 -17.79 -18.50 0.08
C ALA A 223 -18.53 -17.71 -0.99
N LEU A 224 -17.79 -17.04 -1.86
CA LEU A 224 -18.41 -16.24 -2.93
C LEU A 224 -18.10 -16.80 -4.33
N THR A 225 -17.94 -18.11 -4.43
CA THR A 225 -17.71 -18.76 -5.72
C THR A 225 -18.78 -19.82 -5.93
N GLY A 226 -18.75 -20.45 -7.11
CA GLY A 226 -19.72 -21.51 -7.45
C GLY A 226 -21.16 -21.06 -7.43
N ASP A 227 -22.01 -21.82 -6.73
CA ASP A 227 -23.43 -21.47 -6.57
C ASP A 227 -23.66 -20.20 -5.72
N LYS A 228 -22.58 -19.65 -5.20
CA LYS A 228 -22.65 -18.44 -4.36
C LYS A 228 -21.92 -17.27 -5.02
N ALA A 229 -21.64 -17.38 -6.31
CA ALA A 229 -21.02 -16.29 -7.04
C ALA A 229 -21.97 -15.12 -7.01
N MET A 230 -21.43 -13.92 -7.04
CA MET A 230 -22.23 -12.71 -7.22
C MET A 230 -22.65 -12.61 -8.68
N THR A 231 -23.67 -11.80 -8.98
CA THR A 231 -24.21 -11.78 -10.33
C THR A 231 -24.34 -10.37 -10.87
N ALA A 232 -24.34 -10.26 -12.19
CA ALA A 232 -24.68 -9.00 -12.86
C ALA A 232 -25.07 -9.28 -14.28
N ALA A 233 -25.46 -8.23 -15.01
CA ALA A 233 -25.76 -8.35 -16.42
C ALA A 233 -24.94 -7.32 -17.17
N VAL A 234 -24.66 -7.59 -18.45
CA VAL A 234 -24.00 -6.61 -19.30
C VAL A 234 -24.86 -5.36 -19.23
N GLY A 235 -24.21 -4.21 -19.04
CA GLY A 235 -24.90 -2.92 -18.94
C GLY A 235 -25.24 -2.50 -17.51
N GLU A 236 -25.13 -3.45 -16.58
CA GLU A 236 -25.45 -3.18 -15.19
C GLU A 236 -24.30 -2.47 -14.49
N LYS A 237 -24.66 -1.53 -13.62
CA LYS A 237 -23.70 -0.75 -12.85
C LYS A 237 -23.64 -1.32 -11.45
N VAL A 238 -22.43 -1.69 -11.01
CA VAL A 238 -22.27 -2.38 -9.73
C VAL A 238 -21.28 -1.65 -8.85
N LEU A 239 -21.65 -1.44 -7.59
CA LEU A 239 -20.72 -0.93 -6.60
C LEU A 239 -20.23 -2.11 -5.78
N ILE A 240 -18.92 -2.25 -5.68
CA ILE A 240 -18.35 -3.28 -4.82
C ILE A 240 -17.62 -2.61 -3.67
N VAL A 241 -18.19 -2.72 -2.47
CA VAL A 241 -17.57 -2.19 -1.25
C VAL A 241 -16.69 -3.30 -0.74
N HIS A 242 -15.45 -2.97 -0.36
CA HIS A 242 -14.48 -3.98 0.08
C HIS A 242 -13.84 -3.49 1.36
N SER A 243 -13.73 -4.34 2.37
CA SER A 243 -13.10 -3.89 3.61
C SER A 243 -12.05 -4.90 4.08
N GLN A 244 -11.12 -4.42 4.90
CA GLN A 244 -10.10 -5.25 5.50
C GLN A 244 -9.72 -4.52 6.78
N ALA A 245 -10.16 -5.04 7.92
CA ALA A 245 -10.00 -4.31 9.18
C ALA A 245 -8.58 -4.37 9.79
N ASN A 246 -7.76 -5.33 9.35
CA ASN A 246 -6.47 -5.58 9.96
C ASN A 246 -5.28 -5.60 9.01
N ARG A 247 -5.52 -5.80 7.72
CA ARG A 247 -4.41 -6.11 6.83
C ARG A 247 -4.68 -5.59 5.43
N ASP A 248 -3.63 -5.14 4.75
CA ASP A 248 -3.74 -4.64 3.37
C ASP A 248 -4.37 -5.64 2.40
N THR A 249 -5.08 -5.08 1.42
CA THR A 249 -5.54 -5.87 0.30
C THR A 249 -5.44 -5.07 -1.00
N ARG A 250 -5.54 -5.78 -2.13
CA ARG A 250 -5.39 -5.15 -3.46
C ARG A 250 -6.44 -5.77 -4.39
N PRO A 251 -7.69 -5.29 -4.27
CA PRO A 251 -8.75 -5.90 -5.09
C PRO A 251 -8.57 -5.72 -6.59
N HIS A 252 -9.06 -6.70 -7.33
CA HIS A 252 -8.98 -6.71 -8.77
C HIS A 252 -10.15 -7.52 -9.33
N LEU A 253 -10.87 -6.93 -10.28
CA LEU A 253 -11.93 -7.63 -10.99
C LEU A 253 -11.32 -8.19 -12.28
N ILE A 254 -11.05 -9.49 -12.26
CA ILE A 254 -10.42 -10.18 -13.39
C ILE A 254 -11.38 -10.30 -14.55
N GLY A 255 -11.05 -9.62 -15.65
CA GLY A 255 -11.95 -9.54 -16.80
C GLY A 255 -12.58 -8.16 -16.89
N GLY A 256 -12.51 -7.41 -15.80
CA GLY A 256 -13.10 -6.07 -15.74
C GLY A 256 -12.11 -5.05 -15.21
N HIS A 257 -12.65 -3.99 -14.61
CA HIS A 257 -11.89 -2.86 -14.09
C HIS A 257 -12.67 -2.20 -12.96
N GLY A 258 -12.05 -1.23 -12.29
CA GLY A 258 -12.79 -0.33 -11.42
C GLY A 258 -12.90 0.97 -12.20
N ASP A 259 -14.06 1.23 -12.77
CA ASP A 259 -14.22 2.41 -13.63
C ASP A 259 -13.99 3.65 -12.78
N TYR A 260 -14.60 3.64 -11.59
CA TYR A 260 -14.36 4.64 -10.57
C TYR A 260 -14.01 3.90 -9.30
N VAL A 261 -12.90 4.27 -8.68
CA VAL A 261 -12.52 3.63 -7.42
C VAL A 261 -12.22 4.68 -6.36
N TRP A 262 -13.04 4.74 -5.32
CA TRP A 262 -12.68 5.51 -4.14
C TRP A 262 -11.77 4.62 -3.30
N ALA A 263 -10.48 4.60 -3.66
CA ALA A 263 -9.54 3.65 -3.03
C ALA A 263 -9.39 3.88 -1.52
N THR A 264 -9.50 5.14 -1.08
CA THR A 264 -9.41 5.48 0.34
C THR A 264 -10.78 5.31 1.02
N GLY A 265 -11.83 5.10 0.22
CA GLY A 265 -13.17 4.82 0.71
C GLY A 265 -13.95 6.07 1.02
N LYS A 266 -13.38 7.23 0.74
CA LYS A 266 -13.97 8.49 1.18
C LYS A 266 -14.43 9.28 -0.04
N PHE A 267 -15.71 9.67 -0.05
CA PHE A 267 -16.34 10.13 -1.27
C PHE A 267 -15.98 11.58 -1.60
N ASN A 268 -15.47 12.30 -0.61
CA ASN A 268 -15.00 13.68 -0.86
C ASN A 268 -13.59 13.70 -1.47
N THR A 269 -12.92 12.54 -1.45
CA THR A 269 -11.66 12.35 -2.14
C THR A 269 -12.03 11.83 -3.53
N PRO A 270 -11.65 12.56 -4.60
CA PRO A 270 -12.12 12.16 -5.92
C PRO A 270 -11.69 10.73 -6.25
N PRO A 271 -12.57 9.95 -6.92
CA PRO A 271 -12.24 8.56 -7.25
C PRO A 271 -11.14 8.45 -8.30
N ASP A 272 -10.32 7.42 -8.17
CA ASP A 272 -9.39 7.06 -9.24
C ASP A 272 -10.23 6.43 -10.35
N VAL A 273 -9.72 6.47 -11.58
CA VAL A 273 -10.49 5.91 -12.69
C VAL A 273 -9.71 4.86 -13.49
N ASP A 274 -10.46 3.98 -14.15
CA ASP A 274 -9.91 3.03 -15.11
C ASP A 274 -8.97 2.06 -14.44
N GLN A 275 -9.26 1.71 -13.18
CA GLN A 275 -8.30 0.98 -12.36
C GLN A 275 -8.22 -0.49 -12.72
N GLU A 276 -7.01 -1.04 -12.72
CA GLU A 276 -6.82 -2.47 -12.89
C GLU A 276 -6.87 -3.15 -11.52
N THR A 277 -6.08 -2.63 -10.58
CA THR A 277 -5.98 -3.18 -9.22
C THR A 277 -5.90 -2.00 -8.28
N TRP A 278 -6.78 -1.96 -7.28
CA TRP A 278 -6.72 -0.87 -6.33
C TRP A 278 -6.17 -1.38 -5.00
N PHE A 279 -5.90 -0.47 -4.09
CA PHE A 279 -5.23 -0.80 -2.83
C PHE A 279 -6.04 -0.25 -1.68
N ILE A 280 -6.34 -1.14 -0.72
CA ILE A 280 -7.06 -0.76 0.48
C ILE A 280 -6.19 -1.13 1.66
N PRO A 281 -5.75 -0.14 2.45
CA PRO A 281 -4.82 -0.47 3.55
C PRO A 281 -5.57 -1.14 4.69
N GLY A 282 -4.91 -2.02 5.43
CA GLY A 282 -5.53 -2.60 6.64
C GLY A 282 -6.12 -1.51 7.52
N GLY A 283 -7.35 -1.74 7.98
CA GLY A 283 -8.09 -0.75 8.79
C GLY A 283 -8.91 0.21 7.95
N ALA A 284 -9.24 -0.17 6.73
CA ALA A 284 -10.06 0.70 5.88
C ALA A 284 -11.01 -0.06 4.97
N ALA A 285 -11.96 0.66 4.40
CA ALA A 285 -12.82 0.10 3.36
C ALA A 285 -12.61 0.97 2.11
N GLY A 286 -12.88 0.39 0.95
CA GLY A 286 -12.84 1.14 -0.32
C GLY A 286 -14.05 0.72 -1.12
N ALA A 287 -14.30 1.43 -2.22
CA ALA A 287 -15.46 1.12 -3.02
C ALA A 287 -15.14 1.32 -4.50
N ALA A 288 -15.55 0.37 -5.33
CA ALA A 288 -15.31 0.47 -6.77
C ALA A 288 -16.62 0.37 -7.52
N PHE A 289 -16.75 1.18 -8.58
CA PHE A 289 -17.96 1.25 -9.38
C PHE A 289 -17.58 0.74 -10.75
N TYR A 290 -18.31 -0.26 -11.25
CA TYR A 290 -18.04 -0.81 -12.58
C TYR A 290 -19.33 -1.03 -13.36
N THR A 291 -19.31 -0.73 -14.65
CA THR A 291 -20.39 -1.13 -15.56
C THR A 291 -19.91 -2.31 -16.38
N PHE A 292 -20.57 -3.45 -16.21
CA PHE A 292 -20.22 -4.66 -16.94
C PHE A 292 -20.47 -4.53 -18.45
N GLN A 293 -19.48 -4.96 -19.22
CA GLN A 293 -19.48 -4.81 -20.68
C GLN A 293 -19.50 -6.16 -21.37
N GLN A 294 -19.09 -7.20 -20.65
CA GLN A 294 -19.01 -8.54 -21.23
C GLN A 294 -19.68 -9.55 -20.33
N PRO A 295 -20.37 -10.54 -20.92
CA PRO A 295 -20.94 -11.61 -20.12
C PRO A 295 -19.85 -12.62 -19.78
N GLY A 296 -20.17 -13.55 -18.88
CA GLY A 296 -19.26 -14.64 -18.57
C GLY A 296 -18.91 -14.69 -17.10
N ILE A 297 -17.99 -15.60 -16.73
CA ILE A 297 -17.50 -15.67 -15.37
C ILE A 297 -16.33 -14.71 -15.17
N TYR A 298 -16.40 -13.93 -14.09
CA TYR A 298 -15.29 -13.08 -13.66
C TYR A 298 -14.78 -13.63 -12.34
N ALA A 299 -13.52 -13.40 -12.05
CA ALA A 299 -13.02 -13.65 -10.71
C ALA A 299 -12.74 -12.30 -10.10
N TYR A 300 -13.00 -12.17 -8.80
CA TYR A 300 -12.71 -10.96 -8.06
C TYR A 300 -11.77 -11.37 -6.95
N VAL A 301 -10.58 -10.80 -6.92
CA VAL A 301 -9.54 -11.31 -6.05
C VAL A 301 -8.77 -10.22 -5.33
N ASN A 302 -8.08 -10.64 -4.28
CA ASN A 302 -6.96 -9.90 -3.74
C ASN A 302 -5.83 -10.27 -4.68
N HIS A 303 -5.24 -9.30 -5.36
CA HIS A 303 -4.28 -9.63 -6.40
C HIS A 303 -2.85 -9.91 -5.91
N ASN A 304 -2.66 -10.26 -4.64
CA ASN A 304 -1.57 -11.18 -4.36
C ASN A 304 -2.16 -12.53 -4.67
N LEU A 305 -1.70 -13.12 -5.77
CA LEU A 305 -2.37 -14.28 -6.34
C LEU A 305 -2.15 -15.52 -5.48
N ILE A 306 -1.13 -15.48 -4.61
CA ILE A 306 -0.96 -16.56 -3.63
C ILE A 306 -2.06 -16.43 -2.61
N GLU A 307 -2.33 -15.21 -2.15
CA GLU A 307 -3.42 -15.01 -1.21
C GLU A 307 -4.75 -15.39 -1.86
N ALA A 308 -4.90 -15.04 -3.15
CA ALA A 308 -6.16 -15.28 -3.85
C ALA A 308 -6.40 -16.77 -4.07
N PHE A 309 -5.38 -17.46 -4.58
CA PHE A 309 -5.60 -18.80 -5.12
C PHE A 309 -5.04 -19.91 -4.26
N GLU A 310 -4.14 -19.58 -3.33
CA GLU A 310 -3.69 -20.57 -2.34
C GLU A 310 -4.33 -20.37 -0.97
N LEU A 311 -4.59 -19.13 -0.60
CA LEU A 311 -5.06 -18.86 0.77
C LEU A 311 -6.54 -18.55 0.89
N GLY A 312 -7.21 -18.32 -0.25
CA GLY A 312 -8.67 -18.28 -0.31
C GLY A 312 -9.35 -16.99 -0.74
N ALA A 313 -8.56 -15.98 -1.12
CA ALA A 313 -9.13 -14.64 -1.38
C ALA A 313 -9.58 -14.43 -2.82
N ALA A 314 -10.60 -15.20 -3.22
CA ALA A 314 -11.11 -15.22 -4.58
C ALA A 314 -12.62 -15.41 -4.56
N ALA A 315 -13.31 -14.50 -5.24
CA ALA A 315 -14.75 -14.58 -5.43
C ALA A 315 -15.04 -14.68 -6.94
N HIS A 316 -16.29 -15.02 -7.29
CA HIS A 316 -16.69 -14.99 -8.70
C HIS A 316 -17.89 -14.08 -8.89
N PHE A 317 -17.99 -13.55 -10.10
CA PHE A 317 -19.21 -12.94 -10.65
C PHE A 317 -19.69 -13.74 -11.85
N LYS A 318 -20.99 -13.96 -11.94
CA LYS A 318 -21.60 -14.64 -13.09
C LYS A 318 -22.43 -13.58 -13.79
N VAL A 319 -22.04 -13.25 -15.02
CA VAL A 319 -22.62 -12.11 -15.73
C VAL A 319 -23.33 -12.59 -16.99
N THR A 320 -24.60 -12.21 -17.12
CA THR A 320 -25.38 -12.56 -18.28
C THR A 320 -25.29 -11.48 -19.34
N GLY A 321 -25.66 -11.87 -20.56
CA GLY A 321 -25.78 -10.93 -21.67
C GLY A 321 -25.02 -11.32 -22.91
N GLU A 322 -24.87 -10.36 -23.81
CA GLU A 322 -24.32 -10.61 -25.12
C GLU A 322 -22.86 -10.23 -25.20
N TRP A 323 -22.07 -11.14 -25.77
CA TRP A 323 -20.66 -10.89 -26.02
C TRP A 323 -20.43 -9.74 -27.01
N ASN A 324 -19.40 -8.95 -26.74
CA ASN A 324 -19.06 -7.79 -27.52
C ASN A 324 -17.73 -8.03 -28.21
N ASP A 325 -17.78 -8.33 -29.51
CA ASP A 325 -16.58 -8.69 -30.26
C ASP A 325 -15.67 -7.51 -30.55
N ASP A 326 -16.22 -6.30 -30.50
CA ASP A 326 -15.41 -5.10 -30.64
C ASP A 326 -14.41 -5.02 -29.50
N LEU A 327 -14.87 -5.27 -28.28
CA LEU A 327 -14.01 -5.21 -27.10
C LEU A 327 -12.99 -6.35 -27.06
N MET A 328 -13.41 -7.54 -27.46
CA MET A 328 -12.51 -8.69 -27.46
C MET A 328 -13.01 -9.77 -28.41
N THR A 329 -12.11 -10.33 -29.20
CA THR A 329 -12.49 -11.48 -30.01
C THR A 329 -11.35 -12.48 -30.14
N SER A 330 -11.73 -13.74 -30.24
CA SER A 330 -10.77 -14.78 -30.56
C SER A 330 -10.64 -14.84 -32.09
N VAL A 331 -9.53 -14.31 -32.60
CA VAL A 331 -9.23 -14.27 -34.04
C VAL A 331 -8.86 -15.68 -34.53
N LEU A 332 -8.04 -16.36 -33.74
CA LEU A 332 -7.72 -17.75 -34.00
C LEU A 332 -7.78 -18.52 -32.69
N ALA A 333 -8.74 -19.42 -32.58
CA ALA A 333 -8.89 -20.25 -31.39
C ALA A 333 -7.68 -21.16 -31.24
N PRO A 334 -7.31 -21.50 -29.98
CA PRO A 334 -6.23 -22.44 -29.69
C PRO A 334 -6.22 -23.65 -30.63
N SER A 335 -5.13 -23.82 -31.35
CA SER A 335 -5.05 -24.86 -32.39
C SER A 335 -3.61 -25.21 -32.74
N GLY A 336 -3.40 -26.48 -33.11
CA GLY A 336 -2.07 -27.03 -33.37
C GLY A 336 -1.27 -26.31 -34.44
N ALA B 1 20.85 29.72 -8.75
CA ALA B 1 21.65 30.75 -8.02
C ALA B 1 23.14 30.44 -8.05
N THR B 2 23.95 31.48 -8.14
CA THR B 2 25.41 31.34 -8.23
C THR B 2 26.00 31.17 -6.85
N ALA B 3 27.26 30.76 -6.78
CA ALA B 3 27.95 30.64 -5.50
C ALA B 3 27.88 31.98 -4.75
N ALA B 4 28.07 33.09 -5.47
CA ALA B 4 28.04 34.42 -4.88
C ALA B 4 26.69 34.79 -4.30
N GLU B 5 25.63 34.49 -5.04
CA GLU B 5 24.25 34.73 -4.58
C GLU B 5 23.90 33.90 -3.33
N ILE B 6 24.32 32.64 -3.30
CA ILE B 6 24.07 31.77 -2.14
C ILE B 6 24.83 32.30 -0.92
N ALA B 7 26.08 32.74 -1.14
CA ALA B 7 26.91 33.29 -0.07
C ALA B 7 26.29 34.54 0.56
N ALA B 8 25.52 35.28 -0.22
CA ALA B 8 24.88 36.52 0.22
C ALA B 8 23.59 36.29 1.02
N LEU B 9 23.12 35.04 1.03
CA LEU B 9 21.85 34.73 1.70
C LEU B 9 22.00 34.72 3.21
N PRO B 10 20.93 35.08 3.93
CA PRO B 10 20.95 34.99 5.38
C PRO B 10 21.15 33.56 5.84
N ARG B 11 21.87 33.40 6.95
CA ARG B 11 22.01 32.11 7.64
C ARG B 11 21.18 32.11 8.91
N GLN B 12 20.52 30.98 9.16
CA GLN B 12 19.81 30.79 10.40
C GLN B 12 20.25 29.47 11.01
N LYS B 13 20.83 29.53 12.20
CA LYS B 13 21.23 28.33 12.93
C LYS B 13 20.06 27.82 13.77
N VAL B 14 19.73 26.55 13.59
CA VAL B 14 18.61 25.92 14.27
C VAL B 14 19.10 24.90 15.30
N GLU B 15 18.52 24.97 16.49
CA GLU B 15 18.71 23.95 17.53
C GLU B 15 17.64 22.87 17.42
N LEU B 16 18.06 21.65 17.13
CA LEU B 16 17.13 20.54 16.96
C LEU B 16 16.53 20.12 18.29
N VAL B 17 15.31 19.61 18.26
CA VAL B 17 14.70 19.07 19.48
C VAL B 17 14.35 17.61 19.26
N ASP B 18 14.28 16.85 20.34
CA ASP B 18 13.98 15.42 20.24
C ASP B 18 12.52 15.17 19.81
N PRO B 19 12.32 14.21 18.90
CA PRO B 19 10.95 13.79 18.56
C PRO B 19 10.23 13.29 19.82
N PRO B 20 8.90 13.41 19.86
CA PRO B 20 8.00 13.81 18.78
C PRO B 20 7.83 15.31 18.61
N PHE B 21 8.58 16.10 19.36
CA PHE B 21 8.49 17.54 19.23
C PHE B 21 9.29 18.02 18.04
N VAL B 22 9.04 19.25 17.62
CA VAL B 22 9.67 19.81 16.44
C VAL B 22 10.21 21.19 16.80
N HIS B 23 11.40 21.51 16.30
CA HIS B 23 12.01 22.79 16.64
C HIS B 23 11.11 23.96 16.20
N ALA B 24 11.27 25.09 16.89
CA ALA B 24 10.52 26.30 16.54
C ALA B 24 10.75 26.65 15.07
N HIS B 25 9.65 26.99 14.41
CA HIS B 25 9.67 27.40 13.01
C HIS B 25 8.45 28.24 12.76
N SER B 26 8.42 28.90 11.60
N SER B 26 8.43 28.91 11.61
CA SER B 26 7.25 29.66 11.14
CA SER B 26 7.25 29.61 11.15
C SER B 26 6.62 28.95 9.94
C SER B 26 6.62 28.76 10.06
N GLN B 27 5.30 28.79 9.97
CA GLN B 27 4.62 28.06 8.92
C GLN B 27 4.78 28.79 7.58
N VAL B 28 4.47 30.09 7.59
CA VAL B 28 4.74 30.95 6.45
C VAL B 28 6.16 31.47 6.58
N ALA B 29 6.93 31.38 5.49
CA ALA B 29 8.34 31.77 5.49
C ALA B 29 8.53 33.24 5.90
N GLU B 30 9.51 33.46 6.77
CA GLU B 30 9.90 34.81 7.19
C GLU B 30 10.99 35.30 6.25
N GLY B 31 10.62 36.18 5.31
CA GLY B 31 11.58 36.77 4.38
C GLY B 31 11.85 35.90 3.16
N GLY B 32 12.96 36.16 2.48
CA GLY B 32 13.37 35.39 1.31
C GLY B 32 14.18 34.17 1.72
N PRO B 33 14.65 33.39 0.72
CA PRO B 33 15.43 32.17 0.97
C PRO B 33 16.60 32.33 1.94
N LYS B 34 16.79 31.33 2.80
CA LYS B 34 17.92 31.34 3.71
C LYS B 34 18.67 30.03 3.65
N VAL B 35 19.88 30.04 4.21
CA VAL B 35 20.66 28.83 4.41
C VAL B 35 20.43 28.42 5.86
N VAL B 36 19.66 27.36 6.05
CA VAL B 36 19.27 26.93 7.38
C VAL B 36 20.24 25.86 7.84
N GLU B 37 20.90 26.12 8.96
CA GLU B 37 22.00 25.29 9.43
C GLU B 37 21.61 24.39 10.59
N PHE B 38 21.90 23.09 10.43
CA PHE B 38 21.67 22.07 11.45
C PHE B 38 22.96 21.32 11.71
N THR B 39 23.10 20.83 12.93
CA THR B 39 24.21 19.96 13.31
C THR B 39 23.65 18.71 13.99
N MET B 40 24.17 17.54 13.63
CA MET B 40 23.79 16.32 14.32
C MET B 40 25.02 15.50 14.53
N VAL B 41 25.14 14.95 15.73
CA VAL B 41 26.16 13.99 16.07
C VAL B 41 25.52 12.61 16.07
N ILE B 42 26.18 11.65 15.45
CA ILE B 42 25.70 10.26 15.40
C ILE B 42 26.14 9.50 16.64
N GLU B 43 25.20 8.83 17.29
CA GLU B 43 25.54 7.98 18.40
C GLU B 43 25.18 6.53 18.15
N GLU B 44 26.20 5.67 18.17
CA GLU B 44 25.98 4.24 18.29
C GLU B 44 25.78 3.96 19.79
N LYS B 45 24.57 3.56 20.15
CA LYS B 45 24.20 3.38 21.55
C LYS B 45 23.27 2.19 21.74
N LYS B 46 23.40 1.52 22.87
CA LYS B 46 22.40 0.55 23.31
C LYS B 46 21.12 1.29 23.72
N ILE B 47 20.00 0.89 23.13
CA ILE B 47 18.71 1.38 23.59
C ILE B 47 17.83 0.22 24.00
N VAL B 48 16.88 0.50 24.88
CA VAL B 48 15.90 -0.48 25.30
C VAL B 48 14.62 -0.19 24.52
N ILE B 49 14.03 -1.22 23.91
CA ILE B 49 12.90 -0.99 22.98
C ILE B 49 11.54 -1.48 23.47
N ASP B 50 11.51 -2.06 24.66
CA ASP B 50 10.24 -2.52 25.23
C ASP B 50 10.37 -2.59 26.77
N ASP B 51 9.27 -2.88 27.46
CA ASP B 51 9.26 -2.92 28.91
C ASP B 51 10.02 -4.13 29.48
N ALA B 52 10.25 -5.14 28.65
CA ALA B 52 11.03 -6.30 29.05
C ALA B 52 12.54 -6.00 29.12
N GLY B 53 12.95 -4.89 28.53
CA GLY B 53 14.36 -4.55 28.53
C GLY B 53 15.12 -5.03 27.31
N THR B 54 14.40 -5.44 26.26
CA THR B 54 15.01 -5.87 25.00
C THR B 54 15.87 -4.77 24.42
N GLU B 55 17.08 -5.15 24.02
CA GLU B 55 18.07 -4.20 23.55
C GLU B 55 18.26 -4.23 22.06
N VAL B 56 18.55 -3.04 21.53
CA VAL B 56 19.02 -2.90 20.16
C VAL B 56 20.27 -2.04 20.22
N HIS B 57 21.27 -2.40 19.44
CA HIS B 57 22.40 -1.52 19.22
C HIS B 57 21.97 -0.52 18.16
N ALA B 58 21.47 0.62 18.63
CA ALA B 58 20.93 1.63 17.75
C ALA B 58 22.05 2.45 17.11
N MET B 59 21.75 3.02 15.95
CA MET B 59 22.64 3.95 15.29
C MET B 59 21.78 5.18 15.11
N ALA B 60 22.06 6.19 15.91
CA ALA B 60 21.07 7.23 16.13
C ALA B 60 21.58 8.63 15.80
N PHE B 61 20.97 9.26 14.79
CA PHE B 61 21.18 10.68 14.52
C PHE B 61 20.74 11.47 15.73
N ASN B 62 21.64 12.30 16.26
CA ASN B 62 21.32 13.17 17.39
C ASN B 62 20.95 12.38 18.65
N GLY B 63 21.28 11.08 18.65
CA GLY B 63 21.10 10.25 19.83
C GLY B 63 19.70 9.71 20.00
N THR B 64 18.81 9.99 19.05
CA THR B 64 17.42 9.53 19.10
C THR B 64 16.99 8.68 17.91
N VAL B 65 16.01 7.81 18.16
CA VAL B 65 15.33 7.03 17.15
C VAL B 65 13.84 7.43 17.23
N PRO B 66 13.29 8.11 16.20
CA PRO B 66 13.96 8.52 14.98
C PRO B 66 14.90 9.70 15.25
N GLY B 67 15.70 10.05 14.24
CA GLY B 67 16.44 11.30 14.24
C GLY B 67 15.41 12.41 14.22
N PRO B 68 15.82 13.64 14.58
CA PRO B 68 14.90 14.76 14.72
C PRO B 68 14.40 15.29 13.38
N LEU B 69 13.23 15.94 13.42
CA LEU B 69 12.67 16.58 12.24
C LEU B 69 13.36 17.92 12.00
N MET B 70 13.89 18.10 10.79
CA MET B 70 14.42 19.39 10.35
C MET B 70 13.37 20.10 9.52
N VAL B 71 13.15 21.39 9.80
CA VAL B 71 12.12 22.13 9.09
C VAL B 71 12.74 23.32 8.36
N VAL B 72 12.47 23.37 7.06
CA VAL B 72 12.86 24.49 6.21
C VAL B 72 11.68 24.86 5.32
N HIS B 73 11.85 25.90 4.50
CA HIS B 73 10.85 26.21 3.47
C HIS B 73 11.38 25.96 2.07
N GLN B 74 10.46 25.84 1.11
CA GLN B 74 10.83 25.54 -0.26
C GLN B 74 11.81 26.61 -0.73
N ASP B 75 12.88 26.14 -1.39
CA ASP B 75 13.92 27.01 -1.93
C ASP B 75 14.92 27.61 -0.91
N ASP B 76 14.74 27.31 0.38
CA ASP B 76 15.80 27.47 1.36
C ASP B 76 16.87 26.44 1.01
N TYR B 77 18.06 26.60 1.58
CA TYR B 77 19.09 25.57 1.49
C TYR B 77 19.20 24.93 2.86
N LEU B 78 19.27 23.61 2.90
CA LEU B 78 19.54 22.92 4.17
C LEU B 78 21.02 22.58 4.25
N GLU B 79 21.70 23.10 5.28
CA GLU B 79 23.13 22.94 5.42
C GLU B 79 23.37 22.17 6.69
N LEU B 80 23.70 20.90 6.54
CA LEU B 80 23.85 20.03 7.69
C LEU B 80 25.30 19.71 8.00
N THR B 81 25.70 19.96 9.24
CA THR B 81 26.97 19.49 9.76
C THR B 81 26.72 18.13 10.41
N LEU B 82 27.31 17.10 9.85
CA LEU B 82 27.13 15.75 10.36
C LEU B 82 28.45 15.26 10.97
N ILE B 83 28.38 14.82 12.23
CA ILE B 83 29.57 14.42 12.99
C ILE B 83 29.49 12.95 13.39
N ASN B 84 30.55 12.21 13.05
CA ASN B 84 30.70 10.82 13.45
C ASN B 84 31.80 10.74 14.50
N PRO B 85 31.43 10.76 15.79
CA PRO B 85 32.44 10.80 16.86
C PRO B 85 33.35 9.58 16.89
N GLU B 86 34.58 9.77 17.37
CA GLU B 86 35.61 8.72 17.38
C GLU B 86 35.25 7.52 18.25
N THR B 87 34.27 7.71 19.14
CA THR B 87 33.77 6.65 20.02
C THR B 87 32.91 5.61 19.28
N ASN B 88 32.38 5.99 18.11
CA ASN B 88 31.65 5.07 17.24
C ASN B 88 32.60 4.12 16.53
N THR B 89 32.05 3.05 15.96
CA THR B 89 32.87 2.04 15.28
C THR B 89 32.69 1.95 13.75
N LEU B 90 31.59 2.50 13.24
CA LEU B 90 31.24 2.32 11.82
C LEU B 90 31.26 3.64 11.06
N MET B 91 31.47 3.53 9.75
CA MET B 91 31.27 4.66 8.84
C MET B 91 29.76 4.88 8.68
N HIS B 92 29.37 6.15 8.60
CA HIS B 92 27.99 6.53 8.43
C HIS B 92 27.92 7.63 7.39
N ASN B 93 26.72 7.86 6.89
CA ASN B 93 26.48 8.97 5.97
C ASN B 93 25.04 9.44 6.11
N ILE B 94 24.58 10.31 5.22
CA ILE B 94 23.17 10.70 5.23
C ILE B 94 22.63 10.84 3.81
N ASP B 95 21.45 10.29 3.58
CA ASP B 95 20.73 10.42 2.33
C ASP B 95 19.45 11.16 2.63
N PHE B 96 19.27 12.33 2.04
CA PHE B 96 18.00 13.08 2.14
C PHE B 96 17.14 12.78 0.91
N HIS B 97 15.95 12.21 1.10
CA HIS B 97 15.05 12.01 -0.03
C HIS B 97 14.60 13.33 -0.63
N ALA B 98 14.72 14.41 0.13
CA ALA B 98 14.36 15.75 -0.35
C ALA B 98 15.37 16.31 -1.35
N ALA B 99 16.56 15.75 -1.35
CA ALA B 99 17.71 16.31 -2.06
C ALA B 99 17.91 15.66 -3.42
N THR B 100 18.64 16.33 -4.29
CA THR B 100 18.86 15.85 -5.64
C THR B 100 20.34 15.65 -5.89
N GLY B 101 20.73 14.41 -6.19
CA GLY B 101 22.11 14.08 -6.55
C GLY B 101 22.85 13.27 -5.51
N ALA B 102 23.92 12.61 -5.94
CA ALA B 102 24.82 11.88 -5.05
C ALA B 102 24.08 10.97 -4.09
N LEU B 103 23.08 10.28 -4.62
CA LEU B 103 22.25 9.34 -3.87
C LEU B 103 21.46 9.99 -2.72
N GLY B 104 21.18 11.29 -2.85
CA GLY B 104 20.52 12.04 -1.78
C GLY B 104 21.48 12.73 -0.82
N GLY B 105 22.77 12.58 -1.07
CA GLY B 105 23.82 13.19 -0.25
C GLY B 105 24.78 12.15 0.29
N GLY B 106 24.38 10.88 0.19
CA GLY B 106 25.15 9.76 0.75
C GLY B 106 26.53 9.63 0.16
N GLY B 107 26.61 9.90 -1.13
CA GLY B 107 27.87 9.84 -1.87
C GLY B 107 28.88 10.88 -1.43
N LEU B 108 28.40 11.94 -0.77
CA LEU B 108 29.25 13.06 -0.36
C LEU B 108 29.44 13.20 1.16
N THR B 109 28.86 12.29 1.94
CA THR B 109 28.82 12.43 3.40
C THR B 109 29.34 11.20 4.14
N GLU B 110 30.11 10.34 3.46
CA GLU B 110 30.63 9.13 4.10
C GLU B 110 31.75 9.49 5.06
N ILE B 111 31.45 9.38 6.36
CA ILE B 111 32.36 9.79 7.41
C ILE B 111 32.72 8.64 8.34
N ASN B 112 34.02 8.43 8.52
CA ASN B 112 34.50 7.43 9.45
C ASN B 112 34.43 7.96 10.88
N PRO B 113 34.51 7.07 11.89
CA PRO B 113 34.58 7.62 13.24
C PRO B 113 35.72 8.63 13.37
N GLY B 114 35.44 9.76 13.99
CA GLY B 114 36.44 10.82 14.14
C GLY B 114 36.37 11.87 13.05
N GLU B 115 35.41 11.74 12.15
CA GLU B 115 35.26 12.69 11.05
C GLU B 115 33.94 13.42 11.07
N LYS B 116 33.92 14.55 10.36
CA LYS B 116 32.71 15.32 10.11
C LYS B 116 32.62 15.78 8.66
N THR B 117 31.42 16.24 8.27
CA THR B 117 31.17 16.74 6.93
C THR B 117 30.08 17.80 6.99
N ILE B 118 30.07 18.68 6.00
CA ILE B 118 28.96 19.62 5.84
C ILE B 118 28.40 19.51 4.43
N LEU B 119 27.11 19.21 4.35
CA LEU B 119 26.40 19.04 3.10
C LEU B 119 25.39 20.14 2.98
N ARG B 120 25.33 20.78 1.82
CA ARG B 120 24.28 21.76 1.53
C ARG B 120 23.44 21.29 0.36
N PHE B 121 22.12 21.34 0.49
CA PHE B 121 21.25 21.12 -0.67
C PHE B 121 20.08 22.10 -0.70
N LYS B 122 19.61 22.37 -1.90
CA LYS B 122 18.46 23.25 -2.10
C LYS B 122 17.21 22.40 -1.94
N ALA B 123 16.30 22.85 -1.09
CA ALA B 123 15.06 22.13 -0.86
C ALA B 123 14.00 22.59 -1.88
N THR B 124 14.06 22.00 -3.08
CA THR B 124 13.30 22.47 -4.25
C THR B 124 11.81 22.12 -4.24
N LYS B 125 11.45 21.09 -3.47
CA LYS B 125 10.07 20.54 -3.47
C LYS B 125 9.49 20.53 -2.05
N PRO B 126 8.23 21.00 -1.90
CA PRO B 126 7.58 21.03 -0.59
C PRO B 126 6.99 19.66 -0.18
N GLY B 127 7.19 19.30 1.07
CA GLY B 127 6.59 18.08 1.60
C GLY B 127 7.37 17.60 2.80
N VAL B 128 7.03 16.41 3.26
CA VAL B 128 7.80 15.75 4.29
C VAL B 128 8.56 14.64 3.56
N PHE B 129 9.80 14.42 3.96
CA PHE B 129 10.70 13.48 3.26
C PHE B 129 11.52 12.72 4.29
N VAL B 130 11.74 11.44 4.03
CA VAL B 130 12.62 10.63 4.84
C VAL B 130 14.08 11.10 4.65
N TYR B 131 14.88 10.96 5.71
CA TYR B 131 16.33 10.92 5.54
C TYR B 131 16.83 9.68 6.27
N HIS B 132 17.97 9.16 5.84
CA HIS B 132 18.54 7.99 6.51
C HIS B 132 19.96 7.75 6.09
N CYS B 133 20.65 6.99 6.92
CA CYS B 133 22.00 6.55 6.61
C CYS B 133 21.89 5.43 5.57
N ALA B 134 22.88 5.36 4.69
CA ALA B 134 22.91 4.30 3.69
C ALA B 134 24.34 4.03 3.22
N PRO B 135 25.14 3.35 4.07
CA PRO B 135 26.48 3.03 3.63
C PRO B 135 26.40 1.88 2.62
N PRO B 136 27.00 2.06 1.43
CA PRO B 136 26.96 1.03 0.39
C PRO B 136 27.32 -0.35 0.95
N GLY B 137 26.48 -1.32 0.67
CA GLY B 137 26.69 -2.70 1.14
C GLY B 137 26.15 -2.97 2.53
N MET B 138 25.71 -1.93 3.23
CA MET B 138 25.26 -2.06 4.62
C MET B 138 23.98 -1.27 4.88
N VAL B 139 23.22 -1.01 3.81
CA VAL B 139 22.12 -0.02 3.84
C VAL B 139 20.98 -0.41 4.79
N PRO B 140 20.29 -1.54 4.52
CA PRO B 140 19.17 -1.78 5.45
C PRO B 140 19.60 -1.98 6.90
N TRP B 141 20.81 -2.50 7.13
CA TRP B 141 21.26 -2.69 8.51
C TRP B 141 21.34 -1.39 9.32
N HIS B 142 21.84 -0.32 8.69
CA HIS B 142 21.83 0.97 9.36
C HIS B 142 20.42 1.49 9.56
N VAL B 143 19.57 1.36 8.55
CA VAL B 143 18.21 1.91 8.62
C VAL B 143 17.39 1.24 9.71
N VAL B 144 17.43 -0.10 9.75
CA VAL B 144 16.65 -0.86 10.73
C VAL B 144 17.31 -0.91 12.11
N SER B 145 18.50 -0.31 12.22
CA SER B 145 19.11 -0.02 13.52
C SER B 145 18.70 1.37 14.03
N GLY B 146 17.73 1.99 13.36
CA GLY B 146 17.16 3.27 13.80
C GLY B 146 17.76 4.51 13.15
N MET B 147 18.60 4.31 12.14
CA MET B 147 19.34 5.47 11.61
C MET B 147 18.59 6.15 10.49
N ASN B 148 17.47 6.75 10.88
CA ASN B 148 16.58 7.42 9.94
C ASN B 148 15.73 8.45 10.67
N GLY B 149 15.24 9.43 9.92
CA GLY B 149 14.38 10.50 10.43
C GLY B 149 13.59 11.09 9.27
N ALA B 150 13.24 12.37 9.38
CA ALA B 150 12.53 13.03 8.29
C ALA B 150 12.80 14.51 8.35
N ILE B 151 12.48 15.20 7.26
CA ILE B 151 12.49 16.65 7.22
C ILE B 151 11.16 17.14 6.70
N MET B 152 10.82 18.39 7.01
CA MET B 152 9.66 19.03 6.41
C MET B 152 10.10 20.26 5.65
N VAL B 153 9.75 20.31 4.38
CA VAL B 153 9.95 21.48 3.52
C VAL B 153 8.57 22.10 3.34
N LEU B 154 8.29 23.14 4.11
CA LEU B 154 7.00 23.84 4.02
C LEU B 154 6.95 24.70 2.76
N PRO B 155 5.76 24.86 2.17
CA PRO B 155 5.69 25.84 1.10
C PRO B 155 6.00 27.20 1.70
N ARG B 156 6.54 28.12 0.91
CA ARG B 156 6.88 29.44 1.43
C ARG B 156 5.63 30.15 1.97
N GLU B 157 4.48 29.82 1.38
CA GLU B 157 3.21 30.40 1.82
C GLU B 157 2.48 29.54 2.87
N GLY B 158 3.22 28.63 3.51
CA GLY B 158 2.61 27.76 4.53
C GLY B 158 1.75 26.71 3.88
N LEU B 159 1.07 25.89 4.71
CA LEU B 159 0.23 24.84 4.18
C LEU B 159 -1.08 25.39 3.62
N HIS B 160 -1.59 24.71 2.61
CA HIS B 160 -2.90 24.97 2.05
C HIS B 160 -3.55 23.63 1.79
N ASP B 161 -4.87 23.62 1.64
CA ASP B 161 -5.55 22.40 1.21
C ASP B 161 -5.43 22.21 -0.32
N GLY B 162 -6.20 21.29 -0.88
CA GLY B 162 -6.05 20.99 -2.32
C GLY B 162 -6.56 22.11 -3.20
N LYS B 163 -7.28 23.05 -2.59
CA LYS B 163 -8.13 23.99 -3.29
C LYS B 163 -7.88 25.46 -2.91
N GLY B 164 -6.64 25.76 -2.52
CA GLY B 164 -6.21 27.15 -2.28
C GLY B 164 -6.30 27.69 -0.86
N LYS B 165 -7.16 27.11 -0.03
CA LYS B 165 -7.40 27.62 1.32
C LYS B 165 -6.26 27.31 2.28
N ALA B 166 -5.84 28.33 3.02
CA ALA B 166 -4.77 28.17 4.02
C ALA B 166 -5.15 27.18 5.11
N LEU B 167 -4.19 26.33 5.47
CA LEU B 167 -4.31 25.49 6.65
C LEU B 167 -3.21 25.84 7.63
N THR B 168 -3.59 26.21 8.85
CA THR B 168 -2.61 26.57 9.88
C THR B 168 -2.78 25.63 11.06
N TYR B 169 -1.75 24.82 11.34
CA TYR B 169 -1.81 23.98 12.54
C TYR B 169 -1.42 24.77 13.79
N ASP B 170 -1.98 24.34 14.93
CA ASP B 170 -1.65 24.91 16.23
C ASP B 170 -0.41 24.23 16.78
N LYS B 171 -0.28 22.94 16.48
CA LYS B 171 0.90 22.21 16.94
C LYS B 171 1.23 21.10 15.97
N ILE B 172 2.48 20.67 16.01
CA ILE B 172 2.95 19.62 15.13
C ILE B 172 3.69 18.58 15.95
N TYR B 173 3.48 17.32 15.58
CA TYR B 173 4.24 16.22 16.16
C TYR B 173 4.85 15.40 15.05
N TYR B 174 6.03 14.83 15.33
CA TYR B 174 6.70 13.94 14.41
C TYR B 174 6.77 12.53 15.00
N VAL B 175 6.04 11.61 14.38
CA VAL B 175 6.03 10.21 14.76
C VAL B 175 6.90 9.42 13.78
N GLY B 176 8.06 8.98 14.24
CA GLY B 176 8.91 8.13 13.41
C GLY B 176 8.61 6.70 13.81
N GLU B 177 8.32 5.87 12.81
CA GLU B 177 7.96 4.49 13.06
C GLU B 177 9.15 3.61 12.66
N GLN B 178 9.49 2.64 13.51
CA GLN B 178 10.69 1.84 13.31
C GLN B 178 10.38 0.35 13.40
N ASP B 179 10.76 -0.39 12.37
CA ASP B 179 10.71 -1.84 12.38
C ASP B 179 12.06 -2.35 12.89
N PHE B 180 12.01 -3.20 13.92
CA PHE B 180 13.24 -3.77 14.48
C PHE B 180 13.19 -5.28 14.29
N TYR B 181 14.35 -5.91 14.18
CA TYR B 181 14.45 -7.32 13.83
C TYR B 181 15.38 -7.98 14.85
N VAL B 182 14.87 -8.27 16.04
CA VAL B 182 15.74 -8.67 17.14
C VAL B 182 15.89 -10.21 17.22
N PRO B 183 17.13 -10.71 17.13
CA PRO B 183 17.31 -12.18 17.20
C PRO B 183 16.78 -12.82 18.48
N ARG B 184 16.31 -14.05 18.36
CA ARG B 184 15.80 -14.83 19.49
C ARG B 184 16.63 -16.08 19.73
N ASP B 185 16.73 -16.50 20.99
CA ASP B 185 17.34 -17.80 21.32
C ASP B 185 16.40 -18.98 21.00
N GLU B 186 16.76 -20.16 21.47
CA GLU B 186 15.99 -21.36 21.18
C GLU B 186 14.65 -21.42 21.91
N ASN B 187 14.58 -20.76 23.05
CA ASN B 187 13.36 -20.65 23.84
C ASN B 187 12.58 -19.39 23.49
N GLY B 188 13.03 -18.71 22.44
CA GLY B 188 12.28 -17.59 21.87
C GLY B 188 12.43 -16.28 22.63
N LYS B 189 13.47 -16.18 23.44
CA LYS B 189 13.76 -14.94 24.14
C LYS B 189 14.77 -14.14 23.34
N TYR B 190 14.63 -12.81 23.39
CA TYR B 190 15.50 -11.93 22.63
C TYR B 190 16.93 -11.97 23.13
N LYS B 191 17.85 -12.04 22.17
CA LYS B 191 19.28 -12.14 22.46
C LYS B 191 19.89 -10.77 22.75
N LYS B 192 20.92 -10.78 23.59
CA LYS B 192 21.69 -9.59 23.92
C LYS B 192 23.10 -9.75 23.36
N TYR B 193 23.70 -8.63 22.97
CA TYR B 193 25.03 -8.65 22.36
C TYR B 193 25.94 -7.58 22.94
N GLU B 194 27.23 -7.91 23.07
CA GLU B 194 28.21 -6.98 23.63
C GLU B 194 28.53 -5.81 22.71
N ALA B 195 28.82 -6.10 21.45
CA ALA B 195 29.09 -5.06 20.46
C ALA B 195 28.05 -5.13 19.34
N PRO B 196 27.80 -3.98 18.68
CA PRO B 196 26.93 -3.94 17.50
C PRO B 196 27.28 -4.98 16.44
N GLY B 197 28.59 -5.22 16.27
CA GLY B 197 29.08 -6.14 15.26
C GLY B 197 28.64 -7.57 15.50
N ASP B 198 28.57 -7.96 16.77
CA ASP B 198 28.17 -9.31 17.17
C ASP B 198 26.75 -9.64 16.75
N ALA B 199 25.92 -8.61 16.63
CA ALA B 199 24.50 -8.77 16.32
C ALA B 199 24.21 -8.90 14.82
N TYR B 200 25.17 -8.47 14.00
CA TYR B 200 24.97 -8.37 12.55
C TYR B 200 24.38 -9.63 11.86
N GLU B 201 25.12 -10.73 11.90
CA GLU B 201 24.71 -11.94 11.19
C GLU B 201 23.34 -12.46 11.63
N ASP B 202 23.12 -12.48 12.95
CA ASP B 202 21.85 -12.90 13.52
C ASP B 202 20.71 -11.98 13.10
N THR B 203 21.00 -10.69 13.01
CA THR B 203 19.97 -9.69 12.68
C THR B 203 19.58 -9.79 11.21
N VAL B 204 20.58 -9.92 10.34
CA VAL B 204 20.31 -10.13 8.92
C VAL B 204 19.38 -11.34 8.68
N LYS B 205 19.61 -12.44 9.40
CA LYS B 205 18.70 -13.57 9.27
C LYS B 205 17.25 -13.19 9.55
N VAL B 206 17.05 -12.40 10.60
CA VAL B 206 15.70 -12.00 10.97
C VAL B 206 15.15 -11.03 9.93
N MET B 207 15.98 -10.09 9.51
CA MET B 207 15.59 -9.15 8.46
C MET B 207 15.05 -9.89 7.24
N ARG B 208 15.73 -10.98 6.86
CA ARG B 208 15.37 -11.72 5.67
C ARG B 208 13.98 -12.33 5.72
N THR B 209 13.47 -12.55 6.93
CA THR B 209 12.11 -13.04 7.14
C THR B 209 11.07 -11.98 6.76
N LEU B 210 11.52 -10.73 6.64
CA LEU B 210 10.64 -9.58 6.37
C LEU B 210 9.56 -9.40 7.43
N THR B 211 9.84 -9.93 8.61
CA THR B 211 8.90 -9.91 9.72
C THR B 211 9.57 -9.27 10.94
N PRO B 212 9.26 -8.00 11.21
CA PRO B 212 9.85 -7.40 12.40
C PRO B 212 9.35 -8.03 13.68
N THR B 213 10.24 -8.06 14.68
CA THR B 213 9.83 -8.46 16.02
C THR B 213 9.14 -7.33 16.76
N HIS B 214 9.44 -6.08 16.38
CA HIS B 214 8.92 -4.88 17.04
C HIS B 214 8.65 -3.86 15.96
N VAL B 215 7.55 -3.13 16.10
CA VAL B 215 7.27 -2.00 15.23
C VAL B 215 6.85 -0.91 16.18
N VAL B 216 7.62 0.17 16.24
CA VAL B 216 7.51 1.09 17.37
C VAL B 216 7.54 2.52 16.91
N PHE B 217 6.98 3.39 17.73
CA PHE B 217 7.07 4.84 17.53
C PHE B 217 8.07 5.42 18.52
N ASN B 218 8.88 6.38 18.09
CA ASN B 218 9.84 7.03 18.98
C ASN B 218 10.75 6.03 19.71
N GLY B 219 11.11 4.96 19.00
CA GLY B 219 12.17 4.07 19.46
C GLY B 219 11.79 2.93 20.40
N ALA B 220 10.55 2.90 20.89
CA ALA B 220 10.20 1.84 21.84
C ALA B 220 8.73 1.57 21.91
N VAL B 221 8.40 0.32 22.26
CA VAL B 221 7.01 0.00 22.59
C VAL B 221 6.52 0.96 23.68
N GLY B 222 5.35 1.56 23.43
CA GLY B 222 4.78 2.51 24.39
C GLY B 222 5.54 3.81 24.65
N ALA B 223 6.48 4.17 23.77
CA ALA B 223 7.29 5.37 23.97
C ALA B 223 6.42 6.64 24.10
N LEU B 224 5.36 6.71 23.32
CA LEU B 224 4.49 7.90 23.35
C LEU B 224 3.22 7.63 24.11
N THR B 225 3.37 7.16 25.35
CA THR B 225 2.24 6.89 26.25
C THR B 225 2.58 7.39 27.66
N GLY B 226 1.60 7.36 28.55
CA GLY B 226 1.83 7.85 29.92
C GLY B 226 2.13 9.33 29.89
N ASP B 227 3.18 9.74 30.60
CA ASP B 227 3.54 11.15 30.68
C ASP B 227 4.22 11.63 29.41
N LYS B 228 4.44 10.68 28.51
CA LYS B 228 4.96 10.96 27.17
C LYS B 228 3.87 10.89 26.10
N ALA B 229 2.62 10.73 26.51
CA ALA B 229 1.52 10.76 25.55
C ALA B 229 1.48 12.14 24.93
N MET B 230 1.11 12.18 23.65
CA MET B 230 0.91 13.44 22.95
C MET B 230 -0.34 14.11 23.51
N THR B 231 -0.48 15.43 23.31
CA THR B 231 -1.60 16.16 23.91
C THR B 231 -2.26 17.10 22.91
N ALA B 232 -3.56 17.27 23.09
CA ALA B 232 -4.30 18.25 22.31
C ALA B 232 -5.53 18.67 23.11
N ALA B 233 -6.30 19.55 22.51
CA ALA B 233 -7.57 20.01 23.07
C ALA B 233 -8.61 20.03 21.96
N VAL B 234 -9.87 19.97 22.35
CA VAL B 234 -10.96 20.15 21.41
C VAL B 234 -10.77 21.48 20.71
N GLY B 235 -10.87 21.46 19.39
CA GLY B 235 -10.69 22.64 18.54
C GLY B 235 -9.26 22.86 18.08
N GLU B 236 -8.33 22.12 18.68
CA GLU B 236 -6.91 22.28 18.36
C GLU B 236 -6.61 21.56 17.05
N LYS B 237 -5.85 22.23 16.19
CA LYS B 237 -5.46 21.74 14.88
C LYS B 237 -4.06 21.18 14.96
N VAL B 238 -3.94 19.90 14.71
CA VAL B 238 -2.69 19.20 14.90
C VAL B 238 -2.23 18.60 13.58
N LEU B 239 -0.97 18.86 13.22
CA LEU B 239 -0.32 18.17 12.10
C LEU B 239 0.51 17.03 12.66
N ILE B 240 0.26 15.82 12.17
CA ILE B 240 1.05 14.65 12.56
C ILE B 240 1.87 14.19 11.36
N VAL B 241 3.18 14.35 11.44
CA VAL B 241 4.09 13.91 10.40
C VAL B 241 4.51 12.51 10.81
N HIS B 242 4.45 11.54 9.87
CA HIS B 242 4.76 10.15 10.18
C HIS B 242 5.77 9.65 9.13
N SER B 243 6.83 8.97 9.55
CA SER B 243 7.78 8.44 8.58
C SER B 243 8.03 6.96 8.82
N GLN B 244 8.43 6.29 7.76
CA GLN B 244 8.83 4.88 7.85
C GLN B 244 9.86 4.71 6.74
N ALA B 245 11.12 4.56 7.12
CA ALA B 245 12.21 4.57 6.15
C ALA B 245 12.38 3.25 5.41
N ASN B 246 11.79 2.17 5.94
CA ASN B 246 12.04 0.84 5.39
C ASN B 246 10.80 0.01 5.07
N ARG B 247 9.69 0.32 5.72
CA ARG B 247 8.58 -0.61 5.70
C ARG B 247 7.25 0.12 5.69
N ASP B 248 6.26 -0.43 4.98
CA ASP B 248 4.93 0.18 4.91
C ASP B 248 4.30 0.39 6.28
N THR B 249 3.49 1.45 6.38
CA THR B 249 2.62 1.64 7.53
C THR B 249 1.26 2.20 7.12
N ARG B 250 0.30 2.10 8.02
CA ARG B 250 -1.06 2.54 7.75
C ARG B 250 -1.61 3.29 8.96
N PRO B 251 -1.21 4.57 9.11
CA PRO B 251 -1.62 5.34 10.28
C PRO B 251 -3.13 5.56 10.40
N HIS B 252 -3.58 5.60 11.64
CA HIS B 252 -4.99 5.71 11.99
C HIS B 252 -5.06 6.36 13.37
N LEU B 253 -5.83 7.43 13.49
CA LEU B 253 -6.10 8.03 14.78
C LEU B 253 -7.40 7.43 15.32
N ILE B 254 -7.29 6.50 16.26
CA ILE B 254 -8.47 5.81 16.81
C ILE B 254 -9.33 6.78 17.63
N GLY B 255 -10.56 7.00 17.15
CA GLY B 255 -11.47 8.02 17.71
C GLY B 255 -11.51 9.30 16.89
N GLY B 256 -10.55 9.45 15.98
CA GLY B 256 -10.49 10.61 15.10
C GLY B 256 -10.42 10.23 13.64
N HIS B 257 -9.83 11.12 12.84
CA HIS B 257 -9.67 10.98 11.40
C HIS B 257 -8.46 11.76 10.93
N GLY B 258 -8.17 11.69 9.64
CA GLY B 258 -7.20 12.57 9.01
C GLY B 258 -8.03 13.48 8.13
N ASP B 259 -8.29 14.70 8.59
CA ASP B 259 -9.15 15.63 7.85
C ASP B 259 -8.55 15.97 6.49
N TYR B 260 -7.24 16.23 6.49
CA TYR B 260 -6.45 16.36 5.26
C TYR B 260 -5.23 15.49 5.44
N VAL B 261 -4.98 14.62 4.48
CA VAL B 261 -3.82 13.74 4.55
C VAL B 261 -3.03 13.80 3.25
N TRP B 262 -1.80 14.28 3.36
CA TRP B 262 -0.85 14.17 2.26
C TRP B 262 -0.20 12.80 2.43
N ALA B 263 -0.88 11.79 1.91
CA ALA B 263 -0.48 10.41 2.12
C ALA B 263 0.89 10.15 1.51
N THR B 264 1.19 10.83 0.39
CA THR B 264 2.48 10.71 -0.30
C THR B 264 3.51 11.64 0.33
N GLY B 265 3.03 12.56 1.19
CA GLY B 265 3.86 13.47 1.95
C GLY B 265 4.22 14.71 1.16
N LYS B 266 3.68 14.84 -0.04
CA LYS B 266 4.12 15.91 -0.93
C LYS B 266 3.02 16.98 -1.09
N PHE B 267 3.35 18.22 -0.73
CA PHE B 267 2.31 19.24 -0.55
C PHE B 267 1.73 19.76 -1.84
N ASN B 268 2.44 19.54 -2.94
CA ASN B 268 1.88 19.89 -4.25
C ASN B 268 0.95 18.81 -4.81
N THR B 269 0.91 17.64 -4.15
CA THR B 269 -0.08 16.61 -4.47
C THR B 269 -1.25 16.86 -3.52
N PRO B 270 -2.46 17.16 -4.06
CA PRO B 270 -3.59 17.52 -3.19
C PRO B 270 -3.85 16.44 -2.14
N PRO B 271 -4.17 16.85 -0.90
CA PRO B 271 -4.37 15.88 0.18
C PRO B 271 -5.68 15.12 0.00
N ASP B 272 -5.69 13.86 0.46
CA ASP B 272 -6.93 13.11 0.59
C ASP B 272 -7.67 13.70 1.78
N VAL B 273 -8.98 13.52 1.85
CA VAL B 273 -9.76 14.11 2.93
C VAL B 273 -10.62 13.07 3.64
N ASP B 274 -11.01 13.40 4.89
CA ASP B 274 -11.93 12.60 5.70
C ASP B 274 -11.43 11.19 5.89
N GLN B 275 -10.12 11.03 6.02
CA GLN B 275 -9.51 9.70 6.00
C GLN B 275 -9.74 8.92 7.29
N GLU B 276 -9.95 7.60 7.18
CA GLU B 276 -9.97 6.74 8.37
C GLU B 276 -8.58 6.21 8.65
N THR B 277 -7.96 5.63 7.62
CA THR B 277 -6.63 5.05 7.71
C THR B 277 -5.94 5.44 6.44
N TRP B 278 -4.76 6.02 6.56
CA TRP B 278 -4.00 6.37 5.40
C TRP B 278 -2.81 5.43 5.24
N PHE B 279 -2.10 5.58 4.15
CA PHE B 279 -1.05 4.63 3.80
C PHE B 279 0.23 5.34 3.40
N ILE B 280 1.31 4.97 4.07
CA ILE B 280 2.62 5.52 3.80
C ILE B 280 3.54 4.35 3.45
N PRO B 281 4.05 4.34 2.20
CA PRO B 281 4.91 3.22 1.79
C PRO B 281 6.27 3.30 2.47
N GLY B 282 6.90 2.16 2.71
CA GLY B 282 8.25 2.22 3.26
C GLY B 282 9.15 3.08 2.39
N GLY B 283 9.97 3.91 3.02
CA GLY B 283 10.86 4.84 2.32
C GLY B 283 10.20 6.20 2.12
N ALA B 284 9.17 6.48 2.89
CA ALA B 284 8.46 7.75 2.72
C ALA B 284 7.95 8.34 4.03
N ALA B 285 7.66 9.63 3.97
CA ALA B 285 6.97 10.29 5.06
C ALA B 285 5.63 10.80 4.53
N GLY B 286 4.67 10.86 5.43
CA GLY B 286 3.34 11.40 5.17
C GLY B 286 2.97 12.37 6.29
N ALA B 287 1.88 13.08 6.11
CA ALA B 287 1.44 14.07 7.09
C ALA B 287 -0.07 14.16 7.08
N ALA B 288 -0.65 14.21 8.28
CA ALA B 288 -2.10 14.31 8.44
C ALA B 288 -2.41 15.52 9.30
N PHE B 289 -3.48 16.22 8.94
CA PHE B 289 -3.96 17.39 9.64
C PHE B 289 -5.34 17.03 10.19
N TYR B 290 -5.57 17.32 11.46
CA TYR B 290 -6.85 16.99 12.13
C TYR B 290 -7.20 18.06 13.14
N THR B 291 -8.48 18.43 13.18
CA THR B 291 -9.00 19.25 14.25
C THR B 291 -9.73 18.36 15.22
N PHE B 292 -9.22 18.24 16.45
CA PHE B 292 -9.90 17.45 17.47
C PHE B 292 -11.27 18.02 17.80
N GLN B 293 -12.25 17.11 17.92
CA GLN B 293 -13.64 17.47 18.22
C GLN B 293 -14.16 16.89 19.53
N GLN B 294 -13.45 15.91 20.08
CA GLN B 294 -13.89 15.22 21.30
C GLN B 294 -12.73 15.08 22.27
N PRO B 295 -12.99 15.21 23.58
CA PRO B 295 -11.94 15.03 24.59
C PRO B 295 -11.74 13.56 24.84
N GLY B 296 -10.71 13.23 25.61
CA GLY B 296 -10.49 11.85 26.04
C GLY B 296 -9.21 11.30 25.46
N ILE B 297 -9.02 10.00 25.67
CA ILE B 297 -7.83 9.31 25.21
C ILE B 297 -8.01 8.77 23.80
N TYR B 298 -7.04 9.04 22.93
CA TYR B 298 -7.05 8.46 21.60
C TYR B 298 -5.83 7.56 21.48
N ALA B 299 -5.92 6.53 20.66
CA ALA B 299 -4.73 5.78 20.28
C ALA B 299 -4.42 6.10 18.83
N TYR B 300 -3.17 6.42 18.56
CA TYR B 300 -2.68 6.65 17.21
C TYR B 300 -1.83 5.44 16.86
N VAL B 301 -2.24 4.73 15.82
CA VAL B 301 -1.66 3.40 15.54
C VAL B 301 -1.30 3.20 14.06
N ASN B 302 -0.44 2.22 13.82
CA ASN B 302 -0.35 1.54 12.52
C ASN B 302 -1.54 0.55 12.55
N HIS B 303 -2.50 0.68 11.63
CA HIS B 303 -3.72 -0.13 11.71
C HIS B 303 -3.61 -1.53 11.08
N ASN B 304 -2.40 -2.10 11.03
CA ASN B 304 -2.33 -3.55 11.14
C ASN B 304 -2.30 -3.74 12.64
N LEU B 305 -3.44 -4.21 13.17
CA LEU B 305 -3.68 -4.20 14.61
C LEU B 305 -2.77 -5.16 15.37
N ILE B 306 -2.24 -6.17 14.68
CA ILE B 306 -1.16 -6.99 15.27
C ILE B 306 0.10 -6.13 15.44
N GLU B 307 0.49 -5.43 14.38
CA GLU B 307 1.60 -4.48 14.48
C GLU B 307 1.35 -3.45 15.59
N ALA B 308 0.14 -2.90 15.68
CA ALA B 308 -0.15 -1.88 16.69
C ALA B 308 -0.07 -2.41 18.11
N PHE B 309 -0.73 -3.54 18.36
CA PHE B 309 -1.06 -3.94 19.72
C PHE B 309 -0.25 -5.13 20.22
N GLU B 310 0.35 -5.87 19.30
CA GLU B 310 1.28 -6.93 19.67
C GLU B 310 2.74 -6.51 19.50
N LEU B 311 3.01 -5.74 18.47
CA LEU B 311 4.41 -5.44 18.12
C LEU B 311 4.89 -4.06 18.55
N GLY B 312 3.95 -3.18 18.89
CA GLY B 312 4.30 -1.94 19.58
C GLY B 312 3.89 -0.62 18.95
N ALA B 313 3.22 -0.67 17.80
CA ALA B 313 3.02 0.56 17.02
C ALA B 313 1.74 1.27 17.47
N ALA B 314 1.75 1.72 18.72
CA ALA B 314 0.60 2.48 19.26
C ALA B 314 1.08 3.60 20.17
N ALA B 315 0.59 4.80 19.89
CA ALA B 315 0.84 5.96 20.72
C ALA B 315 -0.50 6.45 21.26
N HIS B 316 -0.46 7.36 22.23
CA HIS B 316 -1.71 7.92 22.78
C HIS B 316 -1.73 9.43 22.66
N PHE B 317 -2.94 9.97 22.52
CA PHE B 317 -3.18 11.39 22.72
C PHE B 317 -4.04 11.52 23.96
N LYS B 318 -3.77 12.54 24.77
CA LYS B 318 -4.66 12.95 25.84
C LYS B 318 -5.29 14.25 25.36
N VAL B 319 -6.61 14.33 25.31
CA VAL B 319 -7.29 15.52 24.76
C VAL B 319 -8.24 16.12 25.79
N THR B 320 -8.02 17.39 26.12
CA THR B 320 -8.90 18.09 27.04
C THR B 320 -10.07 18.73 26.29
N GLY B 321 -11.13 19.04 27.03
CA GLY B 321 -12.28 19.71 26.46
C GLY B 321 -13.59 19.07 26.86
N GLU B 322 -14.65 19.59 26.25
CA GLU B 322 -16.04 19.23 26.55
C GLU B 322 -16.50 18.16 25.57
N TRP B 323 -17.13 17.11 26.09
CA TRP B 323 -17.72 16.06 25.27
C TRP B 323 -18.91 16.56 24.47
N ASN B 324 -18.96 16.11 23.21
CA ASN B 324 -19.97 16.53 22.26
C ASN B 324 -20.94 15.40 22.01
N ASP B 325 -22.13 15.49 22.62
CA ASP B 325 -23.14 14.45 22.48
C ASP B 325 -23.87 14.43 21.15
N ASP B 326 -23.75 15.53 20.40
CA ASP B 326 -24.28 15.55 19.03
C ASP B 326 -23.46 14.59 18.18
N LEU B 327 -22.14 14.68 18.28
CA LEU B 327 -21.24 13.79 17.55
C LEU B 327 -21.37 12.33 17.97
N MET B 328 -21.47 12.10 19.27
CA MET B 328 -21.58 10.73 19.79
C MET B 328 -22.17 10.72 21.18
N THR B 329 -23.11 9.82 21.44
CA THR B 329 -23.65 9.68 22.79
C THR B 329 -24.03 8.26 23.12
N SER B 330 -23.85 7.89 24.38
CA SER B 330 -24.32 6.61 24.85
C SER B 330 -25.78 6.73 25.24
N VAL B 331 -26.65 6.28 24.34
CA VAL B 331 -28.10 6.35 24.56
C VAL B 331 -28.50 5.41 25.68
N LEU B 332 -27.88 4.23 25.71
CA LEU B 332 -28.06 3.29 26.78
C LEU B 332 -26.70 2.68 27.07
N ALA B 333 -26.18 2.94 28.26
CA ALA B 333 -24.90 2.43 28.70
C ALA B 333 -25.00 0.92 28.90
N PRO B 334 -23.88 0.19 28.72
CA PRO B 334 -23.90 -1.26 28.96
C PRO B 334 -24.72 -1.64 30.20
N SER B 335 -25.74 -2.47 29.98
CA SER B 335 -26.71 -2.82 31.02
C SER B 335 -27.35 -4.14 30.66
N GLY B 336 -27.82 -4.86 31.68
CA GLY B 336 -28.46 -6.16 31.49
C GLY B 336 -29.59 -6.13 30.46
N THR B 337 -29.61 -7.17 29.61
CA THR B 337 -30.63 -7.34 28.56
C THR B 337 -32.04 -7.53 29.13
N ALA C 1 -17.21 -0.19 -33.06
CA ALA C 1 -16.94 -0.53 -34.48
C ALA C 1 -17.44 -1.93 -34.85
N THR C 2 -17.88 -2.07 -36.10
CA THR C 2 -18.37 -3.34 -36.64
C THR C 2 -17.17 -4.18 -37.07
N ALA C 3 -17.37 -5.47 -37.26
CA ALA C 3 -16.32 -6.37 -37.76
C ALA C 3 -15.75 -5.86 -39.10
N ALA C 4 -16.64 -5.40 -39.98
CA ALA C 4 -16.26 -4.83 -41.25
C ALA C 4 -15.39 -3.59 -41.05
N GLU C 5 -15.81 -2.69 -40.16
CA GLU C 5 -15.02 -1.50 -39.85
C GLU C 5 -13.62 -1.83 -39.31
N ILE C 6 -13.54 -2.81 -38.41
CA ILE C 6 -12.26 -3.24 -37.85
C ILE C 6 -11.36 -3.84 -38.95
N ALA C 7 -11.96 -4.64 -39.84
CA ALA C 7 -11.22 -5.30 -40.92
C ALA C 7 -10.59 -4.29 -41.89
N ALA C 8 -11.17 -3.10 -41.96
CA ALA C 8 -10.69 -2.04 -42.84
C ALA C 8 -9.60 -1.15 -42.24
N LEU C 9 -9.36 -1.29 -40.93
CA LEU C 9 -8.37 -0.46 -40.26
C LEU C 9 -6.94 -0.84 -40.66
N PRO C 10 -6.02 0.16 -40.68
CA PRO C 10 -4.63 -0.14 -40.98
C PRO C 10 -4.07 -1.12 -39.97
N ARG C 11 -3.23 -2.04 -40.43
CA ARG C 11 -2.49 -2.94 -39.57
C ARG C 11 -1.07 -2.43 -39.40
N GLN C 12 -0.49 -2.70 -38.25
CA GLN C 12 0.92 -2.42 -38.03
C GLN C 12 1.55 -3.53 -37.21
N LYS C 13 2.58 -4.15 -37.77
CA LYS C 13 3.34 -5.19 -37.10
C LYS C 13 4.43 -4.52 -36.29
N VAL C 14 4.53 -4.91 -35.01
CA VAL C 14 5.53 -4.35 -34.13
C VAL C 14 6.51 -5.45 -33.78
N GLU C 15 7.80 -5.11 -33.75
CA GLU C 15 8.83 -6.03 -33.31
C GLU C 15 9.21 -5.71 -31.86
N LEU C 16 8.95 -6.66 -30.97
CA LEU C 16 9.22 -6.50 -29.55
C LEU C 16 10.72 -6.57 -29.27
N VAL C 17 11.14 -5.92 -28.19
CA VAL C 17 12.52 -5.94 -27.73
C VAL C 17 12.56 -6.32 -26.26
N ASP C 18 13.71 -6.82 -25.80
CA ASP C 18 13.85 -7.28 -24.43
C ASP C 18 13.84 -6.11 -23.45
N PRO C 19 13.08 -6.25 -22.34
CA PRO C 19 13.20 -5.33 -21.21
C PRO C 19 14.66 -5.16 -20.77
N PRO C 20 15.01 -3.99 -20.21
CA PRO C 20 14.13 -2.86 -19.90
C PRO C 20 13.85 -1.95 -21.07
N PHE C 21 14.36 -2.29 -22.26
CA PHE C 21 14.09 -1.49 -23.45
C PHE C 21 12.65 -1.66 -23.93
N VAL C 22 12.17 -0.68 -24.69
CA VAL C 22 10.81 -0.69 -25.20
C VAL C 22 10.84 -0.46 -26.73
N HIS C 23 9.99 -1.20 -27.46
CA HIS C 23 9.96 -1.14 -28.92
C HIS C 23 9.67 0.29 -29.40
N ALA C 24 10.12 0.60 -30.62
CA ALA C 24 9.88 1.90 -31.22
C ALA C 24 8.37 2.23 -31.26
N HIS C 25 8.04 3.47 -30.93
CA HIS C 25 6.65 3.93 -30.90
C HIS C 25 6.61 5.44 -30.92
N SER C 26 5.43 5.97 -31.19
CA SER C 26 5.20 7.40 -31.16
C SER C 26 4.35 7.71 -29.94
N GLN C 27 4.68 8.79 -29.24
CA GLN C 27 3.91 9.16 -28.05
C GLN C 27 2.53 9.71 -28.44
N VAL C 28 2.52 10.63 -29.40
CA VAL C 28 1.27 11.13 -30.00
C VAL C 28 0.87 10.21 -31.15
N ALA C 29 -0.37 9.74 -31.11
CA ALA C 29 -0.85 8.69 -32.03
C ALA C 29 -0.72 9.09 -33.48
N GLU C 30 -0.13 8.18 -34.27
CA GLU C 30 0.01 8.34 -35.72
C GLU C 30 -1.28 7.95 -36.46
N GLY C 31 -2.11 8.96 -36.75
CA GLY C 31 -3.37 8.77 -37.47
C GLY C 31 -4.46 8.11 -36.63
N GLY C 32 -5.52 7.62 -37.29
CA GLY C 32 -6.65 6.99 -36.63
C GLY C 32 -6.32 5.62 -36.05
N PRO C 33 -7.33 4.93 -35.47
CA PRO C 33 -7.08 3.63 -34.82
C PRO C 33 -6.46 2.60 -35.76
N LYS C 34 -5.58 1.78 -35.22
CA LYS C 34 -4.96 0.69 -35.96
C LYS C 34 -5.12 -0.62 -35.22
N VAL C 35 -4.94 -1.71 -35.94
CA VAL C 35 -4.80 -3.02 -35.32
C VAL C 35 -3.30 -3.24 -35.24
N VAL C 36 -2.80 -3.26 -34.01
CA VAL C 36 -1.36 -3.34 -33.76
C VAL C 36 -1.05 -4.80 -33.44
N GLU C 37 -0.16 -5.38 -34.23
CA GLU C 37 0.11 -6.82 -34.17
C GLU C 37 1.40 -7.13 -33.44
N PHE C 38 1.31 -8.08 -32.50
CA PHE C 38 2.45 -8.55 -31.72
C PHE C 38 2.47 -10.09 -31.78
N THR C 39 3.66 -10.67 -31.69
CA THR C 39 3.80 -12.11 -31.58
C THR C 39 4.77 -12.40 -30.46
N MET C 40 4.43 -13.39 -29.65
CA MET C 40 5.31 -13.82 -28.58
C MET C 40 5.27 -15.31 -28.53
N VAL C 41 6.45 -15.90 -28.41
CA VAL C 41 6.61 -17.34 -28.19
C VAL C 41 6.92 -17.56 -26.71
N ILE C 42 6.27 -18.55 -26.10
CA ILE C 42 6.48 -18.84 -24.67
C ILE C 42 7.64 -19.81 -24.52
N GLU C 43 8.61 -19.48 -23.68
CA GLU C 43 9.74 -20.38 -23.42
C GLU C 43 9.81 -20.79 -21.97
N GLU C 44 9.73 -22.09 -21.72
CA GLU C 44 10.04 -22.65 -20.40
C GLU C 44 11.54 -22.91 -20.38
N LYS C 45 12.24 -22.23 -19.46
CA LYS C 45 13.69 -22.29 -19.41
C LYS C 45 14.18 -22.10 -17.97
N LYS C 46 15.34 -22.67 -17.64
CA LYS C 46 15.98 -22.34 -16.38
C LYS C 46 16.57 -20.93 -16.48
N ILE C 47 16.34 -20.12 -15.45
CA ILE C 47 17.07 -18.85 -15.28
C ILE C 47 17.87 -18.88 -13.97
N VAL C 48 19.03 -18.23 -13.98
CA VAL C 48 19.83 -18.11 -12.76
C VAL C 48 19.62 -16.72 -12.20
N ILE C 49 19.20 -16.68 -10.94
CA ILE C 49 18.67 -15.44 -10.37
C ILE C 49 19.56 -14.76 -9.32
N ASP C 50 20.65 -15.40 -8.92
CA ASP C 50 21.60 -14.78 -7.98
C ASP C 50 23.02 -15.29 -8.21
N ASP C 51 23.99 -14.70 -7.51
CA ASP C 51 25.39 -15.08 -7.73
C ASP C 51 25.76 -16.39 -7.04
N ALA C 52 24.79 -16.98 -6.35
CA ALA C 52 24.97 -18.32 -5.77
C ALA C 52 24.53 -19.43 -6.72
N GLY C 53 24.17 -19.06 -7.95
CA GLY C 53 23.73 -20.04 -8.94
C GLY C 53 22.31 -20.56 -8.76
N THR C 54 21.54 -19.87 -7.93
CA THR C 54 20.16 -20.25 -7.67
C THR C 54 19.34 -20.23 -8.95
N GLU C 55 18.60 -21.32 -9.18
CA GLU C 55 17.83 -21.51 -10.40
C GLU C 55 16.34 -21.38 -10.15
N VAL C 56 15.65 -20.87 -11.15
CA VAL C 56 14.20 -20.87 -11.22
C VAL C 56 13.80 -21.48 -12.55
N HIS C 57 12.76 -22.31 -12.54
CA HIS C 57 12.13 -22.75 -13.76
C HIS C 57 11.18 -21.68 -14.20
N ALA C 58 11.71 -20.81 -15.05
CA ALA C 58 10.95 -19.69 -15.57
C ALA C 58 9.97 -20.15 -16.64
N MET C 59 8.89 -19.38 -16.76
CA MET C 59 7.91 -19.55 -17.81
C MET C 59 7.80 -18.18 -18.44
N ALA C 60 8.47 -18.01 -19.58
CA ALA C 60 8.87 -16.69 -20.04
C ALA C 60 8.23 -16.28 -21.36
N PHE C 61 7.35 -15.28 -21.31
CA PHE C 61 6.84 -14.66 -22.52
C PHE C 61 7.99 -14.06 -23.34
N ASN C 62 8.14 -14.50 -24.59
CA ASN C 62 9.18 -13.95 -25.48
C ASN C 62 10.59 -14.28 -24.98
N GLY C 63 10.69 -15.26 -24.08
CA GLY C 63 11.95 -15.72 -23.52
C GLY C 63 12.55 -14.90 -22.38
N THR C 64 11.84 -13.86 -21.93
CA THR C 64 12.39 -12.99 -20.87
C THR C 64 11.50 -12.89 -19.64
N VAL C 65 12.10 -12.51 -18.52
CA VAL C 65 11.35 -12.19 -17.29
C VAL C 65 11.74 -10.76 -16.90
N PRO C 66 10.82 -9.79 -17.00
CA PRO C 66 9.42 -9.91 -17.38
C PRO C 66 9.31 -10.12 -18.88
N GLY C 67 8.11 -10.42 -19.34
CA GLY C 67 7.79 -10.37 -20.76
C GLY C 67 7.91 -8.94 -21.22
N PRO C 68 8.01 -8.72 -22.54
CA PRO C 68 8.27 -7.40 -23.09
C PRO C 68 7.08 -6.45 -22.97
N LEU C 69 7.37 -5.15 -22.99
CA LEU C 69 6.33 -4.12 -22.98
C LEU C 69 5.77 -3.94 -24.38
N MET C 70 4.45 -4.02 -24.48
CA MET C 70 3.75 -3.70 -25.72
C MET C 70 3.13 -2.32 -25.59
N VAL C 71 3.30 -1.50 -26.61
CA VAL C 71 2.81 -0.12 -26.59
C VAL C 71 1.81 0.07 -27.72
N VAL C 72 0.61 0.51 -27.34
CA VAL C 72 -0.42 0.88 -28.30
C VAL C 72 -0.99 2.22 -27.84
N HIS C 73 -1.94 2.77 -28.60
CA HIS C 73 -2.66 3.96 -28.16
C HIS C 73 -4.10 3.64 -27.85
N GLN C 74 -4.75 4.52 -27.10
CA GLN C 74 -6.14 4.30 -26.71
C GLN C 74 -6.99 4.15 -27.95
N ASP C 75 -7.84 3.12 -27.91
CA ASP C 75 -8.79 2.80 -28.97
C ASP C 75 -8.19 2.08 -30.19
N ASP C 76 -6.88 1.86 -30.16
CA ASP C 76 -6.27 0.85 -31.04
C ASP C 76 -6.75 -0.52 -30.58
N TYR C 77 -6.54 -1.51 -31.45
CA TYR C 77 -6.75 -2.92 -31.13
C TYR C 77 -5.39 -3.54 -30.99
N LEU C 78 -5.18 -4.29 -29.91
CA LEU C 78 -3.96 -5.04 -29.75
C LEU C 78 -4.29 -6.45 -30.18
N GLU C 79 -3.55 -6.97 -31.15
CA GLU C 79 -3.78 -8.31 -31.68
C GLU C 79 -2.54 -9.15 -31.45
N LEU C 80 -2.62 -10.07 -30.50
CA LEU C 80 -1.46 -10.87 -30.11
C LEU C 80 -1.59 -12.28 -30.64
N THR C 81 -0.53 -12.73 -31.30
CA THR C 81 -0.35 -14.12 -31.68
C THR C 81 0.53 -14.73 -30.60
N LEU C 82 -0.01 -15.69 -29.86
CA LEU C 82 0.73 -16.30 -28.77
C LEU C 82 1.00 -17.74 -29.14
N ILE C 83 2.26 -18.14 -29.02
CA ILE C 83 2.70 -19.48 -29.45
C ILE C 83 3.29 -20.26 -28.29
N ASN C 84 2.80 -21.48 -28.08
CA ASN C 84 3.34 -22.38 -27.08
C ASN C 84 4.03 -23.57 -27.79
N PRO C 85 5.37 -23.54 -27.91
CA PRO C 85 6.08 -24.57 -28.68
C PRO C 85 6.01 -25.95 -28.06
N GLU C 86 6.15 -26.98 -28.90
CA GLU C 86 6.10 -28.37 -28.46
C GLU C 86 7.27 -28.73 -27.53
N THR C 87 8.26 -27.83 -27.44
CA THR C 87 9.38 -28.01 -26.53
C THR C 87 9.01 -27.69 -25.07
N ASN C 88 7.82 -27.10 -24.87
CA ASN C 88 7.30 -26.79 -23.53
C ASN C 88 6.51 -27.97 -22.97
N THR C 89 6.20 -27.91 -21.67
CA THR C 89 5.51 -29.03 -21.01
C THR C 89 4.12 -28.66 -20.50
N LEU C 90 3.87 -27.36 -20.37
CA LEU C 90 2.64 -26.90 -19.72
C LEU C 90 1.74 -26.12 -20.66
N MET C 91 0.45 -26.14 -20.34
CA MET C 91 -0.51 -25.25 -20.98
C MET C 91 -0.29 -23.84 -20.42
N HIS C 92 -0.47 -22.83 -21.26
CA HIS C 92 -0.29 -21.44 -20.87
C HIS C 92 -1.39 -20.65 -21.51
N ASN C 93 -1.58 -19.40 -21.08
CA ASN C 93 -2.52 -18.51 -21.75
C ASN C 93 -2.05 -17.10 -21.43
N ILE C 94 -2.89 -16.11 -21.72
CA ILE C 94 -2.56 -14.73 -21.39
C ILE C 94 -3.80 -13.98 -20.97
N ASP C 95 -3.64 -13.23 -19.88
CA ASP C 95 -4.64 -12.33 -19.34
C ASP C 95 -4.07 -10.91 -19.39
N PHE C 96 -4.75 -10.01 -20.09
CA PHE C 96 -4.37 -8.62 -20.13
C PHE C 96 -5.28 -7.84 -19.18
N HIS C 97 -4.69 -7.16 -18.20
CA HIS C 97 -5.47 -6.32 -17.29
C HIS C 97 -6.09 -5.15 -18.04
N ALA C 98 -5.52 -4.83 -19.21
CA ALA C 98 -6.03 -3.73 -20.06
C ALA C 98 -7.32 -4.08 -20.81
N ALA C 99 -7.61 -5.38 -20.91
CA ALA C 99 -8.67 -5.88 -21.76
C ALA C 99 -9.95 -6.11 -20.97
N THR C 100 -11.06 -6.28 -21.69
CA THR C 100 -12.35 -6.52 -21.07
C THR C 100 -12.98 -7.79 -21.60
N GLY C 101 -13.23 -8.73 -20.70
CA GLY C 101 -13.93 -9.97 -21.04
C GLY C 101 -13.02 -11.16 -20.92
N ALA C 102 -13.63 -12.33 -20.77
CA ALA C 102 -12.93 -13.62 -20.75
C ALA C 102 -11.70 -13.60 -19.84
N LEU C 103 -11.89 -13.06 -18.62
CA LEU C 103 -10.83 -12.96 -17.62
C LEU C 103 -9.61 -12.16 -18.08
N GLY C 104 -9.81 -11.27 -19.06
CA GLY C 104 -8.69 -10.51 -19.61
C GLY C 104 -8.09 -11.16 -20.84
N GLY C 105 -8.71 -12.23 -21.31
CA GLY C 105 -8.24 -12.95 -22.50
C GLY C 105 -7.83 -14.38 -22.21
N GLY C 106 -7.65 -14.70 -20.93
CA GLY C 106 -7.16 -16.04 -20.54
C GLY C 106 -8.09 -17.16 -20.89
N GLY C 107 -9.39 -16.85 -20.88
CA GLY C 107 -10.42 -17.83 -21.19
C GLY C 107 -10.44 -18.23 -22.65
N LEU C 108 -9.85 -17.38 -23.50
CA LEU C 108 -9.85 -17.57 -24.94
C LEU C 108 -8.48 -17.97 -25.50
N THR C 109 -7.47 -18.11 -24.65
CA THR C 109 -6.10 -18.25 -25.14
C THR C 109 -5.35 -19.45 -24.54
N GLU C 110 -6.07 -20.41 -24.00
CA GLU C 110 -5.43 -21.55 -23.37
C GLU C 110 -4.83 -22.45 -24.45
N ILE C 111 -3.50 -22.49 -24.51
CA ILE C 111 -2.79 -23.25 -25.52
C ILE C 111 -1.86 -24.30 -24.90
N ASN C 112 -2.03 -25.54 -25.34
CA ASN C 112 -1.13 -26.60 -24.97
C ASN C 112 0.17 -26.49 -25.76
N PRO C 113 1.22 -27.20 -25.33
CA PRO C 113 2.42 -27.24 -26.15
C PRO C 113 2.07 -27.71 -27.56
N GLY C 114 2.57 -26.99 -28.56
CA GLY C 114 2.30 -27.29 -29.96
C GLY C 114 1.15 -26.49 -30.54
N GLU C 115 0.58 -25.60 -29.73
CA GLU C 115 -0.57 -24.79 -30.15
C GLU C 115 -0.27 -23.29 -30.17
N LYS C 116 -1.06 -22.57 -30.95
CA LYS C 116 -1.02 -21.12 -30.98
C LYS C 116 -2.43 -20.55 -30.98
N THR C 117 -2.53 -19.25 -30.75
CA THR C 117 -3.82 -18.59 -30.73
C THR C 117 -3.64 -17.14 -31.13
N ILE C 118 -4.70 -16.50 -31.58
CA ILE C 118 -4.65 -15.07 -31.86
C ILE C 118 -5.79 -14.37 -31.16
N LEU C 119 -5.45 -13.39 -30.34
CA LEU C 119 -6.42 -12.65 -29.55
C LEU C 119 -6.38 -11.20 -29.94
N ARG C 120 -7.54 -10.60 -30.15
CA ARG C 120 -7.63 -9.17 -30.39
C ARG C 120 -8.51 -8.53 -29.34
N PHE C 121 -8.01 -7.48 -28.70
CA PHE C 121 -8.85 -6.68 -27.81
C PHE C 121 -8.69 -5.20 -28.07
N LYS C 122 -9.75 -4.44 -27.79
CA LYS C 122 -9.73 -2.99 -27.93
C LYS C 122 -9.13 -2.37 -26.67
N ALA C 123 -8.09 -1.55 -26.84
CA ALA C 123 -7.44 -0.88 -25.71
C ALA C 123 -8.17 0.40 -25.33
N THR C 124 -9.27 0.24 -24.58
CA THR C 124 -10.22 1.33 -24.34
C THR C 124 -9.79 2.33 -23.27
N LYS C 125 -8.85 1.92 -22.42
CA LYS C 125 -8.43 2.71 -21.26
C LYS C 125 -6.93 3.03 -21.31
N PRO C 126 -6.56 4.32 -21.19
CA PRO C 126 -5.13 4.63 -21.23
C PRO C 126 -4.39 4.40 -19.91
N GLY C 127 -3.20 3.81 -20.03
CA GLY C 127 -2.37 3.61 -18.85
C GLY C 127 -1.38 2.49 -19.07
N VAL C 128 -0.62 2.17 -18.02
CA VAL C 128 0.19 0.95 -18.00
C VAL C 128 -0.60 -0.14 -17.28
N PHE C 129 -0.53 -1.38 -17.80
CA PHE C 129 -1.35 -2.49 -17.29
C PHE C 129 -0.51 -3.74 -17.27
N VAL C 130 -0.66 -4.55 -16.23
CA VAL C 130 0.01 -5.84 -16.17
C VAL C 130 -0.63 -6.81 -17.17
N TYR C 131 0.17 -7.71 -17.75
CA TYR C 131 -0.38 -8.94 -18.32
C TYR C 131 0.33 -10.13 -17.71
N HIS C 132 -0.37 -11.25 -17.63
CA HIS C 132 0.25 -12.45 -17.09
C HIS C 132 -0.51 -13.70 -17.51
N CYS C 133 0.20 -14.82 -17.49
CA CYS C 133 -0.41 -16.12 -17.65
C CYS C 133 -1.25 -16.42 -16.40
N ALA C 134 -2.32 -17.18 -16.58
CA ALA C 134 -3.19 -17.56 -15.48
C ALA C 134 -3.98 -18.81 -15.83
N PRO C 135 -3.30 -19.98 -15.83
CA PRO C 135 -4.05 -21.20 -16.10
C PRO C 135 -4.90 -21.54 -14.89
N PRO C 136 -6.20 -21.81 -15.09
CA PRO C 136 -7.09 -22.17 -13.98
C PRO C 136 -6.46 -23.25 -13.08
N GLY C 137 -6.45 -22.98 -11.79
CA GLY C 137 -5.88 -23.90 -10.80
C GLY C 137 -4.37 -23.84 -10.63
N MET C 138 -3.70 -23.07 -11.49
CA MET C 138 -2.24 -22.95 -11.44
C MET C 138 -1.78 -21.49 -11.58
N VAL C 139 -2.63 -20.56 -11.20
CA VAL C 139 -2.40 -19.15 -11.50
C VAL C 139 -1.14 -18.56 -10.83
N PRO C 140 -1.06 -18.55 -9.47
CA PRO C 140 0.15 -17.92 -8.91
C PRO C 140 1.42 -18.66 -9.30
N TRP C 141 1.36 -19.98 -9.47
CA TRP C 141 2.57 -20.69 -9.87
C TRP C 141 3.17 -20.14 -11.18
N HIS C 142 2.34 -19.92 -12.20
CA HIS C 142 2.85 -19.38 -13.47
C HIS C 142 3.36 -17.95 -13.32
N VAL C 143 2.62 -17.14 -12.57
CA VAL C 143 3.00 -15.74 -12.36
C VAL C 143 4.33 -15.62 -11.61
N VAL C 144 4.53 -16.40 -10.56
CA VAL C 144 5.77 -16.31 -9.79
C VAL C 144 6.90 -17.16 -10.39
N SER C 145 6.61 -17.80 -11.52
CA SER C 145 7.64 -18.39 -12.39
C SER C 145 8.07 -17.36 -13.45
N GLY C 146 7.59 -16.14 -13.31
CA GLY C 146 8.04 -15.05 -14.16
C GLY C 146 7.19 -14.79 -15.41
N MET C 147 6.01 -15.42 -15.46
CA MET C 147 5.17 -15.33 -16.64
C MET C 147 4.24 -14.12 -16.56
N ASN C 148 4.85 -12.95 -16.66
CA ASN C 148 4.10 -11.71 -16.54
C ASN C 148 4.88 -10.61 -17.22
N GLY C 149 4.18 -9.56 -17.59
CA GLY C 149 4.81 -8.40 -18.23
C GLY C 149 3.85 -7.23 -18.08
N ALA C 150 3.94 -6.29 -19.00
CA ALA C 150 3.05 -5.14 -18.95
C ALA C 150 2.81 -4.58 -20.35
N ILE C 151 1.78 -3.76 -20.48
CA ILE C 151 1.59 -2.98 -21.71
C ILE C 151 1.38 -1.54 -21.34
N MET C 152 1.57 -0.66 -22.32
CA MET C 152 1.23 0.73 -22.13
C MET C 152 0.27 1.11 -23.24
N VAL C 153 -0.87 1.66 -22.83
CA VAL C 153 -1.84 2.24 -23.74
C VAL C 153 -1.75 3.75 -23.57
N LEU C 154 -1.09 4.41 -24.52
CA LEU C 154 -0.91 5.86 -24.44
C LEU C 154 -2.16 6.61 -24.89
N PRO C 155 -2.42 7.79 -24.28
CA PRO C 155 -3.48 8.64 -24.82
C PRO C 155 -3.10 9.01 -26.24
N ARG C 156 -4.09 9.22 -27.10
CA ARG C 156 -3.80 9.53 -28.50
C ARG C 156 -3.00 10.83 -28.65
N GLU C 157 -3.16 11.75 -27.69
CA GLU C 157 -2.37 12.98 -27.70
C GLU C 157 -1.13 12.92 -26.80
N GLY C 158 -0.69 11.72 -26.46
CA GLY C 158 0.47 11.55 -25.59
C GLY C 158 0.18 11.84 -24.13
N LEU C 159 1.23 11.86 -23.32
CA LEU C 159 1.07 12.10 -21.89
C LEU C 159 0.88 13.57 -21.57
N HIS C 160 0.10 13.82 -20.51
CA HIS C 160 -0.06 15.17 -19.96
C HIS C 160 0.00 15.14 -18.44
N ASP C 161 0.29 16.29 -17.84
CA ASP C 161 0.20 16.43 -16.39
C ASP C 161 -1.27 16.56 -15.99
N GLY C 162 -1.54 16.81 -14.72
CA GLY C 162 -2.93 16.93 -14.26
C GLY C 162 -3.68 18.13 -14.80
N LYS C 163 -2.97 19.07 -15.43
CA LYS C 163 -3.57 20.36 -15.79
C LYS C 163 -3.36 20.77 -17.26
N GLY C 164 -3.25 19.78 -18.15
CA GLY C 164 -3.22 20.03 -19.60
C GLY C 164 -1.89 20.27 -20.28
N LYS C 165 -0.81 20.34 -19.50
CA LYS C 165 0.54 20.49 -20.04
C LYS C 165 1.08 19.15 -20.57
N ALA C 166 1.59 19.18 -21.81
CA ALA C 166 2.19 17.98 -22.42
C ALA C 166 3.43 17.52 -21.68
N LEU C 167 3.57 16.19 -21.57
CA LEU C 167 4.75 15.59 -20.95
C LEU C 167 5.34 14.63 -21.97
N THR C 168 6.52 14.96 -22.48
CA THR C 168 7.13 14.17 -23.53
C THR C 168 8.44 13.59 -23.01
N TYR C 169 8.53 12.26 -22.97
CA TYR C 169 9.75 11.67 -22.48
C TYR C 169 10.73 11.51 -23.64
N ASP C 170 12.01 11.54 -23.31
CA ASP C 170 13.10 11.28 -24.25
C ASP C 170 13.50 9.80 -24.23
N LYS C 171 13.35 9.16 -23.08
CA LYS C 171 13.65 7.73 -22.94
C LYS C 171 12.58 7.07 -22.11
N ILE C 172 12.39 5.77 -22.36
CA ILE C 172 11.47 4.97 -21.58
C ILE C 172 12.12 3.64 -21.22
N TYR C 173 11.92 3.21 -19.98
CA TYR C 173 12.42 1.92 -19.52
C TYR C 173 11.31 1.19 -18.84
N TYR C 174 11.31 -0.13 -18.98
CA TYR C 174 10.32 -1.00 -18.34
C TYR C 174 11.03 -1.89 -17.33
N VAL C 175 10.72 -1.69 -16.06
CA VAL C 175 11.27 -2.49 -14.97
C VAL C 175 10.18 -3.44 -14.47
N GLY C 176 10.37 -4.74 -14.69
CA GLY C 176 9.43 -5.74 -14.21
C GLY C 176 10.02 -6.32 -12.95
N GLU C 177 9.29 -6.20 -11.85
CA GLU C 177 9.78 -6.69 -10.56
C GLU C 177 9.16 -8.04 -10.29
N GLN C 178 9.98 -9.00 -9.85
CA GLN C 178 9.55 -10.37 -9.68
C GLN C 178 9.86 -10.89 -8.30
N ASP C 179 8.84 -11.42 -7.62
CA ASP C 179 9.03 -12.15 -6.37
C ASP C 179 9.17 -13.63 -6.71
N PHE C 180 10.26 -14.24 -6.23
CA PHE C 180 10.51 -15.68 -6.41
C PHE C 180 10.52 -16.39 -5.08
N TYR C 181 10.24 -17.69 -5.10
CA TYR C 181 10.01 -18.49 -3.90
C TYR C 181 10.81 -19.77 -4.07
N VAL C 182 12.12 -19.71 -3.84
CA VAL C 182 12.96 -20.87 -4.18
C VAL C 182 13.13 -21.81 -2.98
N PRO C 183 12.73 -23.07 -3.14
CA PRO C 183 12.94 -24.06 -2.07
C PRO C 183 14.38 -24.20 -1.60
N ARG C 184 14.55 -24.52 -0.32
N ARG C 184 14.54 -24.52 -0.31
CA ARG C 184 15.86 -24.74 0.28
CA ARG C 184 15.85 -24.70 0.32
C ARG C 184 15.91 -26.10 0.95
C ARG C 184 15.90 -26.10 0.93
N ASP C 185 17.11 -26.67 1.03
CA ASP C 185 17.29 -27.95 1.73
C ASP C 185 17.46 -27.71 3.23
N GLU C 186 17.81 -28.77 3.95
CA GLU C 186 17.97 -28.72 5.40
C GLU C 186 19.09 -27.78 5.87
N ASN C 187 20.07 -27.56 5.00
CA ASN C 187 21.21 -26.67 5.31
C ASN C 187 21.00 -25.23 4.82
N GLY C 188 19.82 -24.95 4.29
CA GLY C 188 19.50 -23.63 3.76
C GLY C 188 20.07 -23.36 2.38
N LYS C 189 20.55 -24.42 1.70
CA LYS C 189 21.02 -24.29 0.32
C LYS C 189 19.83 -24.37 -0.64
N TYR C 190 19.79 -23.49 -1.63
CA TYR C 190 18.68 -23.54 -2.60
C TYR C 190 18.70 -24.83 -3.43
N LYS C 191 17.53 -25.40 -3.64
CA LYS C 191 17.43 -26.66 -4.37
C LYS C 191 17.37 -26.42 -5.87
N LYS C 192 17.94 -27.36 -6.63
CA LYS C 192 17.85 -27.37 -8.09
C LYS C 192 17.00 -28.55 -8.54
N TYR C 193 16.33 -28.39 -9.69
CA TYR C 193 15.45 -29.44 -10.22
C TYR C 193 15.69 -29.60 -11.70
N GLU C 194 15.36 -30.77 -12.25
CA GLU C 194 15.62 -30.99 -13.67
C GLU C 194 14.37 -30.94 -14.57
N ALA C 195 13.23 -30.53 -13.99
CA ALA C 195 12.00 -30.29 -14.73
C ALA C 195 11.10 -29.33 -13.95
N PRO C 196 10.29 -28.50 -14.65
CA PRO C 196 9.48 -27.50 -13.94
C PRO C 196 8.50 -28.16 -12.98
N GLY C 197 7.83 -29.21 -13.46
CA GLY C 197 6.92 -29.98 -12.61
C GLY C 197 7.57 -30.52 -11.36
N ASP C 198 8.87 -30.81 -11.43
CA ASP C 198 9.60 -31.35 -10.28
C ASP C 198 9.65 -30.36 -9.12
N ALA C 199 9.65 -29.08 -9.44
CA ALA C 199 9.82 -28.03 -8.45
C ALA C 199 8.48 -27.59 -7.83
N TYR C 200 7.37 -27.99 -8.44
CA TYR C 200 6.04 -27.50 -8.07
C TYR C 200 5.70 -27.61 -6.58
N GLU C 201 5.67 -28.83 -6.03
CA GLU C 201 5.26 -29.01 -4.64
C GLU C 201 6.12 -28.20 -3.65
N ASP C 202 7.44 -28.26 -3.81
CA ASP C 202 8.34 -27.56 -2.91
C ASP C 202 8.16 -26.05 -3.01
N THR C 203 7.95 -25.58 -4.24
CA THR C 203 7.76 -24.15 -4.52
C THR C 203 6.46 -23.63 -3.90
N VAL C 204 5.39 -24.42 -4.02
CA VAL C 204 4.11 -24.06 -3.42
C VAL C 204 4.23 -23.88 -1.90
N LYS C 205 4.95 -24.78 -1.25
CA LYS C 205 5.20 -24.63 0.17
C LYS C 205 5.84 -23.29 0.53
N VAL C 206 6.82 -22.86 -0.27
CA VAL C 206 7.48 -21.57 -0.02
C VAL C 206 6.52 -20.42 -0.32
N MET C 207 5.74 -20.53 -1.38
CA MET C 207 4.80 -19.46 -1.77
C MET C 207 3.82 -19.17 -0.64
N ARG C 208 3.39 -20.23 0.03
CA ARG C 208 2.39 -20.12 1.08
C ARG C 208 2.89 -19.36 2.33
N THR C 209 4.20 -19.20 2.46
CA THR C 209 4.79 -18.41 3.55
C THR C 209 4.68 -16.91 3.26
N LEU C 210 4.27 -16.55 2.04
CA LEU C 210 4.15 -15.15 1.59
C LEU C 210 5.44 -14.36 1.74
N THR C 211 6.56 -15.06 1.80
CA THR C 211 7.86 -14.44 2.00
C THR C 211 8.77 -14.84 0.85
N PRO C 212 8.97 -13.94 -0.13
CA PRO C 212 9.88 -14.32 -1.22
C PRO C 212 11.32 -14.53 -0.76
N THR C 213 12.01 -15.47 -1.39
CA THR C 213 13.42 -15.66 -1.13
C THR C 213 14.22 -14.64 -1.91
N HIS C 214 13.65 -14.19 -3.02
CA HIS C 214 14.28 -13.18 -3.89
C HIS C 214 13.23 -12.22 -4.40
N VAL C 215 13.62 -10.97 -4.59
CA VAL C 215 12.76 -9.95 -5.18
C VAL C 215 13.67 -9.20 -6.13
N VAL C 216 13.40 -9.30 -7.43
CA VAL C 216 14.41 -8.93 -8.43
C VAL C 216 13.81 -8.11 -9.56
N PHE C 217 14.65 -7.33 -10.23
CA PHE C 217 14.25 -6.65 -11.45
C PHE C 217 14.82 -7.43 -12.61
N ASN C 218 14.03 -7.56 -13.68
CA ASN C 218 14.47 -8.17 -14.94
C ASN C 218 15.05 -9.57 -14.71
N GLY C 219 14.43 -10.32 -13.79
CA GLY C 219 14.70 -11.75 -13.62
C GLY C 219 15.86 -12.19 -12.74
N ALA C 220 16.71 -11.26 -12.29
CA ALA C 220 17.85 -11.65 -11.46
C ALA C 220 18.42 -10.55 -10.60
N VAL C 221 19.06 -10.95 -9.50
CA VAL C 221 19.81 -10.03 -8.67
C VAL C 221 20.86 -9.33 -9.53
N GLY C 222 20.88 -7.99 -9.46
CA GLY C 222 21.87 -7.22 -10.19
C GLY C 222 21.66 -7.12 -11.69
N ALA C 223 20.50 -7.56 -12.18
CA ALA C 223 20.28 -7.66 -13.62
C ALA C 223 20.43 -6.31 -14.28
N LEU C 224 19.80 -5.29 -13.70
CA LEU C 224 19.85 -3.93 -14.24
C LEU C 224 20.96 -3.09 -13.59
N THR C 225 22.13 -3.71 -13.46
CA THR C 225 23.34 -3.05 -12.99
C THR C 225 24.45 -3.34 -14.00
N GLY C 226 25.58 -2.65 -13.89
CA GLY C 226 26.75 -2.84 -14.79
C GLY C 226 26.48 -2.75 -16.28
N ASP C 227 26.62 -3.87 -16.97
CA ASP C 227 26.37 -3.92 -18.41
C ASP C 227 24.93 -3.55 -18.75
N LYS C 228 24.07 -3.61 -17.73
CA LYS C 228 22.65 -3.37 -17.96
C LYS C 228 22.08 -2.19 -17.15
N ALA C 229 22.95 -1.38 -16.56
CA ALA C 229 22.48 -0.14 -15.93
C ALA C 229 21.74 0.69 -16.97
N MET C 230 20.65 1.31 -16.56
CA MET C 230 19.90 2.20 -17.43
C MET C 230 20.64 3.51 -17.52
N THR C 231 20.49 4.23 -18.61
CA THR C 231 21.32 5.41 -18.82
C THR C 231 20.48 6.64 -19.11
N ALA C 232 21.04 7.80 -18.79
CA ALA C 232 20.40 9.06 -19.13
C ALA C 232 21.45 10.16 -19.07
N ALA C 233 21.03 11.38 -19.36
CA ALA C 233 21.88 12.56 -19.30
C ALA C 233 21.11 13.62 -18.54
N VAL C 234 21.83 14.52 -17.88
CA VAL C 234 21.22 15.70 -17.26
C VAL C 234 20.36 16.39 -18.32
N GLY C 235 19.12 16.74 -17.97
CA GLY C 235 18.19 17.41 -18.89
C GLY C 235 17.21 16.47 -19.58
N GLU C 236 17.52 15.18 -19.52
CA GLU C 236 16.75 14.19 -20.24
C GLU C 236 15.56 13.82 -19.41
N LYS C 237 14.43 13.64 -20.08
CA LYS C 237 13.18 13.24 -19.46
C LYS C 237 13.00 11.74 -19.68
N VAL C 238 12.80 11.01 -18.59
CA VAL C 238 12.75 9.56 -18.65
C VAL C 238 11.42 9.09 -18.05
N LEU C 239 10.73 8.17 -18.74
CA LEU C 239 9.58 7.50 -18.13
C LEU C 239 10.01 6.12 -17.66
N ILE C 240 9.72 5.79 -16.39
CA ILE C 240 10.04 4.46 -15.87
C ILE C 240 8.72 3.74 -15.58
N VAL C 241 8.44 2.71 -16.38
CA VAL C 241 7.26 1.90 -16.18
C VAL C 241 7.72 0.75 -15.28
N HIS C 242 6.92 0.42 -14.28
CA HIS C 242 7.28 -0.56 -13.28
C HIS C 242 6.06 -1.43 -13.07
N SER C 243 6.24 -2.75 -13.08
CA SER C 243 5.11 -3.62 -12.83
C SER C 243 5.45 -4.63 -11.75
N GLN C 244 4.43 -5.15 -11.09
CA GLN C 244 4.57 -6.26 -10.17
C GLN C 244 3.25 -7.01 -10.21
N ALA C 245 3.26 -8.20 -10.80
CA ALA C 245 2.02 -8.92 -11.05
C ALA C 245 1.43 -9.63 -9.83
N ASN C 246 2.22 -9.77 -8.76
CA ASN C 246 1.80 -10.58 -7.61
C ASN C 246 1.97 -9.95 -6.24
N ARG C 247 2.87 -8.99 -6.11
CA ARG C 247 3.20 -8.47 -4.79
C ARG C 247 3.46 -6.97 -4.84
N ASP C 248 3.13 -6.27 -3.75
CA ASP C 248 3.34 -4.81 -3.62
C ASP C 248 4.79 -4.42 -3.81
N THR C 249 5.00 -3.22 -4.35
CA THR C 249 6.33 -2.64 -4.38
C THR C 249 6.27 -1.14 -4.13
N ARG C 250 7.41 -0.57 -3.80
CA ARG C 250 7.46 0.86 -3.45
C ARG C 250 8.69 1.48 -4.11
N PRO C 251 8.58 1.78 -5.43
CA PRO C 251 9.79 2.22 -6.13
C PRO C 251 10.29 3.57 -5.67
N HIS C 252 11.60 3.75 -5.81
CA HIS C 252 12.26 4.97 -5.39
C HIS C 252 13.52 5.11 -6.22
N LEU C 253 13.67 6.29 -6.83
CA LEU C 253 14.89 6.68 -7.51
C LEU C 253 15.85 7.38 -6.53
N ILE C 254 16.85 6.64 -6.06
CA ILE C 254 17.79 7.16 -5.07
C ILE C 254 18.69 8.21 -5.69
N GLY C 255 18.55 9.44 -5.20
CA GLY C 255 19.23 10.62 -5.78
C GLY C 255 18.32 11.47 -6.65
N GLY C 256 17.17 10.92 -7.03
CA GLY C 256 16.19 11.62 -7.85
C GLY C 256 14.81 11.63 -7.19
N HIS C 257 13.78 11.78 -8.00
CA HIS C 257 12.39 11.80 -7.52
C HIS C 257 11.51 11.25 -8.62
N GLY C 258 10.21 11.11 -8.34
CA GLY C 258 9.22 10.94 -9.38
C GLY C 258 8.54 12.28 -9.58
N ASP C 259 8.93 13.04 -10.60
CA ASP C 259 8.35 14.38 -10.78
C ASP C 259 6.83 14.30 -10.98
N TYR C 260 6.41 13.37 -11.83
CA TYR C 260 5.01 13.00 -12.02
C TYR C 260 4.94 11.50 -11.92
N VAL C 261 4.05 11.00 -11.07
CA VAL C 261 3.92 9.56 -10.90
C VAL C 261 2.47 9.15 -11.05
N TRP C 262 2.17 8.39 -12.11
CA TRP C 262 0.86 7.75 -12.23
C TRP C 262 0.95 6.48 -11.39
N ALA C 263 0.72 6.65 -10.09
CA ALA C 263 0.97 5.58 -9.13
C ALA C 263 0.06 4.38 -9.36
N THR C 264 -1.18 4.65 -9.79
CA THR C 264 -2.13 3.60 -10.16
C THR C 264 -1.88 3.08 -11.58
N GLY C 265 -0.98 3.77 -12.30
CA GLY C 265 -0.70 3.45 -13.70
C GLY C 265 -1.72 3.91 -14.72
N LYS C 266 -2.74 4.64 -14.30
CA LYS C 266 -3.84 4.99 -15.19
C LYS C 266 -3.80 6.49 -15.52
N PHE C 267 -3.70 6.77 -16.81
CA PHE C 267 -3.36 8.12 -17.26
C PHE C 267 -4.51 9.12 -17.10
N ASN C 268 -5.73 8.63 -16.96
CA ASN C 268 -6.87 9.52 -16.67
C ASN C 268 -7.02 9.87 -15.19
N THR C 269 -6.25 9.19 -14.34
CA THR C 269 -6.13 9.57 -12.93
C THR C 269 -4.90 10.46 -12.84
N PRO C 270 -5.11 11.74 -12.43
CA PRO C 270 -4.01 12.70 -12.42
C PRO C 270 -2.78 12.17 -11.67
N PRO C 271 -1.57 12.48 -12.17
CA PRO C 271 -0.36 11.98 -11.53
C PRO C 271 -0.10 12.68 -10.20
N ASP C 272 0.50 11.96 -9.26
CA ASP C 272 1.03 12.58 -8.04
C ASP C 272 2.31 13.30 -8.44
N VAL C 273 2.73 14.28 -7.67
CA VAL C 273 3.94 15.06 -8.03
C VAL C 273 4.98 15.12 -6.92
N ASP C 274 6.24 15.34 -7.32
CA ASP C 274 7.37 15.51 -6.40
C ASP C 274 7.60 14.31 -5.48
N GLN C 275 7.39 13.12 -6.01
CA GLN C 275 7.36 11.92 -5.20
C GLN C 275 8.75 11.46 -4.76
N GLU C 276 8.85 11.08 -3.49
CA GLU C 276 10.09 10.43 -3.03
C GLU C 276 10.01 8.92 -3.29
N THR C 277 8.93 8.30 -2.82
CA THR C 277 8.70 6.88 -2.98
C THR C 277 7.24 6.72 -3.33
N TRP C 278 6.96 5.92 -4.34
CA TRP C 278 5.60 5.70 -4.74
C TRP C 278 5.25 4.24 -4.48
N PHE C 279 3.99 3.91 -4.69
CA PHE C 279 3.47 2.60 -4.31
C PHE C 279 2.65 1.99 -5.41
N ILE C 280 3.01 0.76 -5.78
CA ILE C 280 2.33 0.01 -6.82
C ILE C 280 1.88 -1.29 -6.18
N PRO C 281 0.55 -1.50 -6.09
CA PRO C 281 0.10 -2.76 -5.47
C PRO C 281 0.36 -3.96 -6.37
N GLY C 282 0.54 -5.12 -5.75
CA GLY C 282 0.65 -6.35 -6.53
C GLY C 282 -0.54 -6.49 -7.45
N GLY C 283 -0.25 -6.79 -8.72
CA GLY C 283 -1.25 -6.93 -9.75
C GLY C 283 -1.43 -5.65 -10.56
N ALA C 284 -0.46 -4.75 -10.48
CA ALA C 284 -0.58 -3.50 -11.23
C ALA C 284 0.74 -3.03 -11.78
N ALA C 285 0.66 -2.07 -12.68
CA ALA C 285 1.81 -1.35 -13.14
C ALA C 285 1.62 0.12 -12.83
N GLY C 286 2.72 0.84 -12.67
CA GLY C 286 2.71 2.28 -12.46
C GLY C 286 3.76 2.92 -13.36
N ALA C 287 3.78 4.25 -13.43
CA ALA C 287 4.76 4.91 -14.29
C ALA C 287 5.21 6.19 -13.61
N ALA C 288 6.50 6.48 -13.69
CA ALA C 288 7.04 7.71 -13.12
C ALA C 288 7.79 8.47 -14.20
N PHE C 289 7.62 9.78 -14.22
CA PHE C 289 8.29 10.64 -15.17
C PHE C 289 9.30 11.49 -14.40
N TYR C 290 10.54 11.56 -14.88
CA TYR C 290 11.59 12.32 -14.18
C TYR C 290 12.53 13.01 -15.15
N THR C 291 12.85 14.28 -14.86
CA THR C 291 13.90 14.98 -15.60
C THR C 291 15.18 14.99 -14.75
N PHE C 292 16.24 14.38 -15.27
CA PHE C 292 17.48 14.29 -14.54
C PHE C 292 18.12 15.66 -14.43
N GLN C 293 18.66 15.95 -13.25
CA GLN C 293 19.27 17.27 -12.98
C GLN C 293 20.72 17.15 -12.53
N GLN C 294 21.14 15.95 -12.15
CA GLN C 294 22.48 15.72 -11.66
C GLN C 294 23.05 14.49 -12.36
N PRO C 295 24.35 14.52 -12.68
CA PRO C 295 24.98 13.35 -13.24
C PRO C 295 25.33 12.37 -12.13
N GLY C 296 25.79 11.19 -12.49
CA GLY C 296 26.27 10.24 -11.50
C GLY C 296 25.47 8.97 -11.48
N ILE C 297 25.76 8.12 -10.51
CA ILE C 297 25.06 6.86 -10.36
C ILE C 297 23.83 7.06 -9.47
N TYR C 298 22.70 6.51 -9.91
CA TYR C 298 21.50 6.48 -9.11
C TYR C 298 21.19 5.01 -8.89
N ALA C 299 20.60 4.69 -7.75
CA ALA C 299 20.04 3.36 -7.57
C ALA C 299 18.54 3.49 -7.64
N TYR C 300 17.89 2.60 -8.37
CA TYR C 300 16.45 2.60 -8.46
C TYR C 300 16.02 1.35 -7.72
N VAL C 301 15.21 1.51 -6.68
CA VAL C 301 14.95 0.37 -5.78
C VAL C 301 13.48 0.25 -5.40
N ASN C 302 13.12 -0.94 -4.92
CA ASN C 302 11.97 -1.14 -4.08
C ASN C 302 12.43 -0.66 -2.71
N HIS C 303 11.76 0.36 -2.15
CA HIS C 303 12.28 0.98 -0.95
C HIS C 303 11.88 0.28 0.38
N ASN C 304 11.53 -1.00 0.33
CA ASN C 304 11.81 -1.83 1.50
C ASN C 304 13.25 -2.23 1.29
N LEU C 305 14.15 -1.62 2.05
CA LEU C 305 15.59 -1.74 1.79
C LEU C 305 16.13 -3.14 2.01
N ILE C 306 15.40 -3.95 2.78
CA ILE C 306 15.74 -5.37 2.91
C ILE C 306 15.44 -6.03 1.56
N GLU C 307 14.30 -5.71 0.96
CA GLU C 307 13.97 -6.28 -0.34
C GLU C 307 14.92 -5.78 -1.41
N ALA C 308 15.29 -4.50 -1.35
CA ALA C 308 16.26 -3.95 -2.30
C ALA C 308 17.66 -4.54 -2.16
N PHE C 309 18.18 -4.58 -0.94
CA PHE C 309 19.60 -4.78 -0.75
C PHE C 309 19.98 -6.13 -0.19
N GLU C 310 18.99 -6.88 0.29
CA GLU C 310 19.23 -8.27 0.71
C GLU C 310 18.57 -9.25 -0.26
N LEU C 311 17.39 -8.90 -0.77
CA LEU C 311 16.65 -9.81 -1.65
C LEU C 311 16.83 -9.58 -3.17
N GLY C 312 17.34 -8.41 -3.55
CA GLY C 312 17.78 -8.18 -4.93
C GLY C 312 17.09 -7.07 -5.72
N ALA C 313 16.20 -6.32 -5.07
CA ALA C 313 15.37 -5.37 -5.82
C ALA C 313 16.04 -4.01 -5.99
N ALA C 314 17.15 -4.00 -6.73
CA ALA C 314 17.92 -2.80 -6.95
C ALA C 314 18.49 -2.76 -8.36
N ALA C 315 18.28 -1.63 -9.01
CA ALA C 315 18.80 -1.35 -10.35
C ALA C 315 19.67 -0.09 -10.28
N HIS C 316 20.49 0.19 -11.30
CA HIS C 316 21.18 1.48 -11.40
C HIS C 316 20.87 2.28 -12.65
N PHE C 317 20.98 3.60 -12.53
CA PHE C 317 21.09 4.51 -13.65
C PHE C 317 22.50 5.10 -13.61
N LYS C 318 23.14 5.18 -14.77
CA LYS C 318 24.37 5.95 -14.95
C LYS C 318 24.00 7.18 -15.78
N VAL C 319 24.19 8.37 -15.21
CA VAL C 319 23.73 9.61 -15.84
C VAL C 319 24.93 10.51 -16.12
N THR C 320 25.03 11.00 -17.36
CA THR C 320 26.12 11.88 -17.76
C THR C 320 25.70 13.33 -17.60
N GLY C 321 26.68 14.23 -17.58
CA GLY C 321 26.37 15.66 -17.52
C GLY C 321 27.16 16.42 -16.48
N GLU C 322 26.81 17.69 -16.32
CA GLU C 322 27.52 18.62 -15.44
C GLU C 322 26.90 18.60 -14.04
N TRP C 323 27.73 18.53 -13.01
CA TRP C 323 27.26 18.62 -11.63
C TRP C 323 26.71 20.01 -11.32
N ASN C 324 25.58 20.06 -10.62
CA ASN C 324 24.92 21.30 -10.23
C ASN C 324 25.13 21.59 -8.73
N ASP C 325 26.02 22.53 -8.42
CA ASP C 325 26.36 22.84 -7.04
C ASP C 325 25.28 23.65 -6.32
N ASP C 326 24.40 24.28 -7.09
CA ASP C 326 23.28 24.99 -6.50
C ASP C 326 22.34 23.98 -5.84
N LEU C 327 22.05 22.90 -6.56
CA LEU C 327 21.19 21.84 -6.02
C LEU C 327 21.81 21.09 -4.84
N MET C 328 23.10 20.78 -4.96
CA MET C 328 23.79 20.08 -3.89
C MET C 328 25.29 20.34 -3.96
N THR C 329 25.90 20.61 -2.81
CA THR C 329 27.35 20.70 -2.75
C THR C 329 27.91 20.25 -1.40
N SER C 330 29.11 19.70 -1.45
CA SER C 330 29.85 19.35 -0.24
C SER C 330 30.58 20.61 0.25
N VAL C 331 30.03 21.26 1.26
CA VAL C 331 30.63 22.45 1.86
C VAL C 331 31.94 22.09 2.58
N LEU C 332 31.92 20.97 3.29
CA LEU C 332 33.13 20.44 3.90
C LEU C 332 33.14 18.94 3.65
N ALA C 333 34.10 18.47 2.85
CA ALA C 333 34.22 17.05 2.57
C ALA C 333 34.59 16.30 3.83
N PRO C 334 34.19 15.01 3.92
CA PRO C 334 34.55 14.17 5.06
C PRO C 334 36.00 14.38 5.49
N SER C 335 36.20 14.74 6.76
CA SER C 335 37.51 15.14 7.28
C SER C 335 37.55 15.11 8.81
N GLY C 336 38.76 14.99 9.37
CA GLY C 336 38.96 14.98 10.82
C GLY C 336 38.27 16.10 11.58
#